data_1ZFA
# 
_entry.id   1ZFA 
# 
_audit_conform.dict_name       mmcif_pdbx.dic 
_audit_conform.dict_version    5.376 
_audit_conform.dict_location   http://mmcif.pdb.org/dictionaries/ascii/mmcif_pdbx.dic 
# 
loop_
_database_2.database_id 
_database_2.database_code 
_database_2.pdbx_database_accession 
_database_2.pdbx_DOI 
PDB   1ZFA         pdb_00001zfa 10.2210/pdb1zfa/pdb 
NDB   AD0052       ?            ?                   
RCSB  RCSB032653   ?            ?                   
WWPDB D_1000032653 ?            ?                   
# 
loop_
_pdbx_database_related.db_name 
_pdbx_database_related.db_id 
_pdbx_database_related.details 
_pdbx_database_related.content_type 
PDB 1P4Y . unspecified 
PDB 1P4Z . unspecified 
PDB 1DCW . unspecified 
PDB 1DCV . unspecified 
PDB 1ZEW . unspecified 
PDB 1ZEX . unspecified 
PDB 1ZEY . unspecified 
PDB 1ZEZ . unspecified 
PDB 1ZF0 . unspecified 
PDB 1ZF1 . unspecified 
PDB 1ZF2 . unspecified 
PDB 1ZF3 . unspecified 
PDB 1ZF4 . unspecified 
PDB 1ZF5 . unspecified 
PDB 1ZF6 . unspecified 
PDB 1ZF7 . unspecified 
PDB 1ZF8 . unspecified 
PDB 1ZF9 . unspecified 
PDB 1ZFB . unspecified 
PDB 1ZFC . unspecified 
PDB 1ZFE . unspecified 
PDB 1ZFF . unspecified 
PDB 1ZFG . unspecified 
PDB 1ZFH . unspecified 
PDB 1ZFM . unspecified 
# 
_pdbx_database_status.entry_id                        1ZFA 
_pdbx_database_status.deposit_site                    RCSB 
_pdbx_database_status.process_site                    RCSB 
_pdbx_database_status.recvd_initial_deposition_date   2005-04-20 
_pdbx_database_status.status_code                     REL 
_pdbx_database_status.status_code_sf                  REL 
_pdbx_database_status.status_code_mr                  ? 
_pdbx_database_status.SG_entry                        ? 
_pdbx_database_status.pdb_format_compatible           Y 
_pdbx_database_status.status_code_cs                  ? 
_pdbx_database_status.methods_development_category    ? 
_pdbx_database_status.status_code_nmr_data            ? 
# 
loop_
_audit_author.name 
_audit_author.pdbx_ordinal 
'Hays, F.A.'      1 
'Teegarden, A.T.' 2 
'Jones, Z.J.R.'   3 
'Harms, M.'       4 
'Raup, D.'        5 
'Watson, J.'      6 
'Cavaliere, E.'   7 
'Ho, P.S.'        8 
# 
_citation.id                        primary 
_citation.title                     'How sequence defines structure: a crystallographic map of DNA structure and conformation.' 
_citation.journal_abbrev            Proc.Natl.Acad.Sci.Usa 
_citation.journal_volume            102 
_citation.page_first                7157 
_citation.page_last                 7162 
_citation.year                      2005 
_citation.journal_id_ASTM           PNASA6 
_citation.country                   US 
_citation.journal_id_ISSN           0027-8424 
_citation.journal_id_CSD            0040 
_citation.book_publisher            ? 
_citation.pdbx_database_id_PubMed   15870206 
_citation.pdbx_database_id_DOI      10.1073/pnas.0409455102 
# 
loop_
_citation_author.citation_id 
_citation_author.name 
_citation_author.ordinal 
_citation_author.identifier_ORCID 
primary 'Hays, F.A.'    1 ? 
primary 'Teegarden, A.' 2 ? 
primary 'Jones, Z.J.'   3 ? 
primary 'Harms, M.'     4 ? 
primary 'Raup, D.'      5 ? 
primary 'Watson, J.'    6 ? 
primary 'Cavaliere, E.' 7 ? 
primary 'Ho, P.S.'      8 ? 
# 
_cell.entry_id           1ZFA 
_cell.length_a           23.930 
_cell.length_b           44.620 
_cell.length_c           46.780 
_cell.angle_alpha        90.00 
_cell.angle_beta         90.00 
_cell.angle_gamma        90.00 
_cell.Z_PDB              8 
_cell.pdbx_unique_axis   ? 
# 
_symmetry.entry_id                         1ZFA 
_symmetry.space_group_name_H-M             'P 21 21 21' 
_symmetry.pdbx_full_space_group_name_H-M   ? 
_symmetry.cell_setting                     ? 
_symmetry.Int_Tables_number                19 
_symmetry.space_group_name_Hall            ? 
# 
loop_
_entity.id 
_entity.type 
_entity.src_method 
_entity.pdbx_description 
_entity.formula_weight 
_entity.pdbx_number_of_molecules 
_entity.pdbx_ec 
_entity.pdbx_mutation 
_entity.pdbx_fragment 
_entity.details 
1 polymer     syn "5'-D(*CP*CP*TP*CP*CP*GP*GP*AP*GP*G)-3'" 3045.992 2   ? ? ? ? 
2 non-polymer syn 'SODIUM ION'                             22.990   3   ? ? ? ? 
3 non-polymer syn 'CALCIUM ION'                            40.078   1   ? ? ? ? 
4 water       nat water                                    18.015   130 ? ? ? ? 
# 
_entity_poly.entity_id                      1 
_entity_poly.type                           polydeoxyribonucleotide 
_entity_poly.nstd_linkage                   no 
_entity_poly.nstd_monomer                   no 
_entity_poly.pdbx_seq_one_letter_code       '(DC)(DC)(DT)(DC)(DC)(DG)(DG)(DA)(DG)(DG)' 
_entity_poly.pdbx_seq_one_letter_code_can   CCTCCGGAGG 
_entity_poly.pdbx_strand_id                 A,B 
_entity_poly.pdbx_target_identifier         ? 
# 
loop_
_entity_poly_seq.entity_id 
_entity_poly_seq.num 
_entity_poly_seq.mon_id 
_entity_poly_seq.hetero 
1 1  DC n 
1 2  DC n 
1 3  DT n 
1 4  DC n 
1 5  DC n 
1 6  DG n 
1 7  DG n 
1 8  DA n 
1 9  DG n 
1 10 DG n 
# 
_pdbx_entity_src_syn.entity_id              1 
_pdbx_entity_src_syn.pdbx_src_id            1 
_pdbx_entity_src_syn.pdbx_alt_source_flag   sample 
_pdbx_entity_src_syn.pdbx_beg_seq_num       ? 
_pdbx_entity_src_syn.pdbx_end_seq_num       ? 
_pdbx_entity_src_syn.organism_scientific    ? 
_pdbx_entity_src_syn.organism_common_name   ? 
_pdbx_entity_src_syn.ncbi_taxonomy_id       ? 
_pdbx_entity_src_syn.details                
;DNA WAS SYNTHESIZED ON AN APPLIED BIOSYSTEMS DNA SYNTHESIZER USING PHOSPHORAMIDITE CHEMISTRY, WITH THE TRITYL-PROTECTING GROUP LEFT INTACT AT THE 5'-TERMINAL NUCLEOTIDE THEN DEPROTECTED BY TREATMENT WITH 3% ACETIC ACID FOR FIFTEEN MINUTES, NEUTRALIZED WITH AMMONIUM HYDROXIDE, AND DESALTED ON A SIGMA G-25 SEPHADEX COLUMN.
;
# 
_struct_ref.id                         1 
_struct_ref.entity_id                  1 
_struct_ref.db_name                    PDB 
_struct_ref.db_code                    1ZFA 
_struct_ref.pdbx_db_accession          1ZFA 
_struct_ref.pdbx_db_isoform            ? 
_struct_ref.pdbx_seq_one_letter_code   ? 
_struct_ref.pdbx_align_begin           ? 
# 
loop_
_struct_ref_seq.align_id 
_struct_ref_seq.ref_id 
_struct_ref_seq.pdbx_PDB_id_code 
_struct_ref_seq.pdbx_strand_id 
_struct_ref_seq.seq_align_beg 
_struct_ref_seq.pdbx_seq_align_beg_ins_code 
_struct_ref_seq.seq_align_end 
_struct_ref_seq.pdbx_seq_align_end_ins_code 
_struct_ref_seq.pdbx_db_accession 
_struct_ref_seq.db_align_beg 
_struct_ref_seq.pdbx_db_align_beg_ins_code 
_struct_ref_seq.db_align_end 
_struct_ref_seq.pdbx_db_align_end_ins_code 
_struct_ref_seq.pdbx_auth_seq_align_beg 
_struct_ref_seq.pdbx_auth_seq_align_end 
1 1 1ZFA A 1 ? 10 ? 1ZFA 1  ? 10 ? 1  10 
2 1 1ZFA B 1 ? 10 ? 1ZFA 11 ? 20 ? 11 20 
# 
loop_
_chem_comp.id 
_chem_comp.type 
_chem_comp.mon_nstd_flag 
_chem_comp.name 
_chem_comp.pdbx_synonyms 
_chem_comp.formula 
_chem_comp.formula_weight 
CA  non-polymer   . 'CALCIUM ION'                        ? 'Ca 2'            40.078  
DA  'DNA linking' y "2'-DEOXYADENOSINE-5'-MONOPHOSPHATE" ? 'C10 H14 N5 O6 P' 331.222 
DC  'DNA linking' y "2'-DEOXYCYTIDINE-5'-MONOPHOSPHATE"  ? 'C9 H14 N3 O7 P'  307.197 
DG  'DNA linking' y "2'-DEOXYGUANOSINE-5'-MONOPHOSPHATE" ? 'C10 H14 N5 O7 P' 347.221 
DT  'DNA linking' y "THYMIDINE-5'-MONOPHOSPHATE"         ? 'C10 H15 N2 O8 P' 322.208 
HOH non-polymer   . WATER                                ? 'H2 O'            18.015  
NA  non-polymer   . 'SODIUM ION'                         ? 'Na 1'            22.990  
# 
_exptl.entry_id          1ZFA 
_exptl.method            'X-RAY DIFFRACTION' 
_exptl.crystals_number   1 
# 
_exptl_crystal.id                    1 
_exptl_crystal.density_meas          ? 
_exptl_crystal.density_Matthews      2.05 
_exptl_crystal.density_percent_sol   39.99 
_exptl_crystal.description           ? 
_exptl_crystal.F_000                 ? 
_exptl_crystal.preparation           ? 
# 
_exptl_crystal_grow.crystal_id      1 
_exptl_crystal_grow.method          ? 
_exptl_crystal_grow.temp            298 
_exptl_crystal_grow.temp_details    ? 
_exptl_crystal_grow.pH              7.00 
_exptl_crystal_grow.pdbx_details    
'Na Cacodylate, CaCl2, Spermine, MPD in resevoir, pH 7.0, VAPOR DIFFUSION, SITTING DROP, temperature 298K, pH 7.00' 
_exptl_crystal_grow.pdbx_pH_range   . 
# 
loop_
_exptl_crystal_grow_comp.crystal_id 
_exptl_crystal_grow_comp.id 
_exptl_crystal_grow_comp.sol_id 
_exptl_crystal_grow_comp.name 
_exptl_crystal_grow_comp.conc 
_exptl_crystal_grow_comp.volume 
_exptl_crystal_grow_comp.details 
1 1 1 'Na Cacodylate' ? ? ? 
1 2 1 CaCl2           ? ? ? 
1 3 1 Spermine        ? ? ? 
1 4 1 MPD             ? ? ? 
1 5 1 H2O             ? ? ? 
1 6 2 'Na Cacodylate' ? ? ? 
1 7 2 CaCl2           ? ? ? 
1 8 2 MPD             ? ? ? 
1 9 2 H2O             ? ? ? 
# 
_diffrn.id                     1 
_diffrn.ambient_temp           103.0 
_diffrn.ambient_temp_details   ? 
_diffrn.crystal_id             1 
# 
_diffrn_detector.diffrn_id              1 
_diffrn_detector.detector               'IMAGE PLATE' 
_diffrn_detector.type                   'RIGAKU RAXIS IV' 
_diffrn_detector.pdbx_collection_date   2003-05-15 
_diffrn_detector.details                ? 
# 
_diffrn_radiation.diffrn_id                        1 
_diffrn_radiation.wavelength_id                    1 
_diffrn_radiation.pdbx_monochromatic_or_laue_m_l   M 
_diffrn_radiation.monochromator                    ? 
_diffrn_radiation.pdbx_diffrn_protocol             'SINGLE WAVELENGTH' 
_diffrn_radiation.pdbx_scattering_type             x-ray 
# 
_diffrn_radiation_wavelength.id           1 
_diffrn_radiation_wavelength.wavelength   1.542 
_diffrn_radiation_wavelength.wt           1.0 
# 
_diffrn_source.diffrn_id                   1 
_diffrn_source.source                      'ROTATING ANODE' 
_diffrn_source.type                        'RIGAKU RUH3R' 
_diffrn_source.pdbx_synchrotron_site       ? 
_diffrn_source.pdbx_synchrotron_beamline   ? 
_diffrn_source.pdbx_wavelength             ? 
_diffrn_source.pdbx_wavelength_list        1.542 
# 
_reflns.entry_id                     1ZFA 
_reflns.observed_criterion_sigma_I   0.000 
_reflns.observed_criterion_sigma_F   ? 
_reflns.d_resolution_low             99.000 
_reflns.d_resolution_high            1.500 
_reflns.number_obs                   8318 
_reflns.number_all                   ? 
_reflns.percent_possible_obs         97.9 
_reflns.pdbx_Rmerge_I_obs            0.112 
_reflns.pdbx_Rsym_value              ? 
_reflns.pdbx_netI_over_sigmaI        12.5000 
_reflns.B_iso_Wilson_estimate        4.1 
_reflns.pdbx_redundancy              ? 
_reflns.R_free_details               ? 
_reflns.pdbx_chi_squared             ? 
_reflns.pdbx_scaling_rejects         ? 
_reflns.pdbx_diffrn_id               1 
_reflns.pdbx_ordinal                 1 
# 
_reflns_shell.d_res_high             1.50 
_reflns_shell.d_res_low              1.55 
_reflns_shell.percent_possible_all   ? 
_reflns_shell.Rmerge_I_obs           0.233 
_reflns_shell.pdbx_Rsym_value        ? 
_reflns_shell.meanI_over_sigI_obs    ? 
_reflns_shell.pdbx_redundancy        ? 
_reflns_shell.percent_possible_obs   ? 
_reflns_shell.number_unique_all      ? 
_reflns_shell.number_measured_all    ? 
_reflns_shell.number_measured_obs    ? 
_reflns_shell.number_unique_obs      ? 
_reflns_shell.pdbx_chi_squared       ? 
_reflns_shell.pdbx_diffrn_id         ? 
_reflns_shell.pdbx_ordinal           1 
# 
_refine.entry_id                                 1ZFA 
_refine.ls_number_reflns_obs                     7429 
_refine.ls_number_reflns_all                     ? 
_refine.pdbx_ls_sigma_I                          ? 
_refine.pdbx_ls_sigma_F                          0.000 
_refine.pdbx_data_cutoff_high_absF               45057.85 
_refine.pdbx_data_cutoff_low_absF                0.00 
_refine.pdbx_data_cutoff_high_rms_absF           ? 
_refine.ls_d_res_low                             19.23 
_refine.ls_d_res_high                            1.56 
_refine.ls_percent_reflns_obs                    98.3 
_refine.ls_R_factor_obs                          0.241 
_refine.ls_R_factor_all                          ? 
_refine.ls_R_factor_R_work                       0.241 
_refine.ls_R_factor_R_free                       0.3 
_refine.ls_R_factor_R_free_error                 0.011 
_refine.ls_R_factor_R_free_error_details         ? 
_refine.ls_percent_reflns_R_free                 10.600 
_refine.ls_number_reflns_R_free                  788 
_refine.ls_number_parameters                     ? 
_refine.ls_number_restraints                     ? 
_refine.occupancy_min                            ? 
_refine.occupancy_max                            ? 
_refine.correlation_coeff_Fo_to_Fc               ? 
_refine.correlation_coeff_Fo_to_Fc_free          ? 
_refine.B_iso_mean                               6.6 
_refine.aniso_B[1][1]                            -0.30900 
_refine.aniso_B[2][2]                            0.37800 
_refine.aniso_B[3][3]                            -0.06900 
_refine.aniso_B[1][2]                            0.00000 
_refine.aniso_B[1][3]                            0.00000 
_refine.aniso_B[2][3]                            0.00000 
_refine.solvent_model_details                    'FLAT MODEL' 
_refine.solvent_model_param_ksol                 0.273898 
_refine.solvent_model_param_bsol                 23.6038 
_refine.pdbx_solvent_vdw_probe_radii             ? 
_refine.pdbx_solvent_ion_probe_radii             ? 
_refine.pdbx_solvent_shrinkage_radii             ? 
_refine.pdbx_ls_cross_valid_method               THROUGHOUT 
_refine.details                                  
'STRUCTURE HAS NOT BEEN REFINED TO ITS LOWEST R AND RFREE VALUES. REFER TO CITATION ABOVE FOR' 
_refine.pdbx_starting_model                      'pdb entry 1ZF9' 
_refine.pdbx_method_to_determine_struct          'MOLECULAR REPLACEMENT' 
_refine.pdbx_isotropic_thermal_model             RESTRAINED 
_refine.pdbx_stereochemistry_target_values       'MAXIMUM LIKELIHOOD' 
_refine.pdbx_stereochem_target_val_spec_case     ? 
_refine.pdbx_R_Free_selection_details            RANDOM 
_refine.pdbx_overall_ESU_R                       ? 
_refine.pdbx_overall_ESU_R_Free                  ? 
_refine.overall_SU_ML                            ? 
_refine.overall_SU_B                             ? 
_refine.ls_redundancy_reflns_obs                 ? 
_refine.overall_SU_R_Cruickshank_DPI             ? 
_refine.overall_SU_R_free                        ? 
_refine.ls_wR_factor_R_free                      ? 
_refine.ls_wR_factor_R_work                      ? 
_refine.overall_FOM_free_R_set                   ? 
_refine.overall_FOM_work_R_set                   ? 
_refine.pdbx_refine_id                           'X-RAY DIFFRACTION' 
_refine.pdbx_diffrn_id                           1 
_refine.pdbx_TLS_residual_ADP_flag               ? 
_refine.pdbx_overall_phase_error                 ? 
_refine.pdbx_overall_SU_R_free_Cruickshank_DPI   ? 
_refine.pdbx_overall_SU_R_Blow_DPI               ? 
_refine.pdbx_overall_SU_R_free_Blow_DPI          ? 
# 
_refine_analyze.entry_id                        1ZFA 
_refine_analyze.Luzzati_coordinate_error_obs    0.21 
_refine_analyze.Luzzati_sigma_a_obs             0.10 
_refine_analyze.Luzzati_d_res_low_obs           5.00 
_refine_analyze.Luzzati_coordinate_error_free   0.27 
_refine_analyze.Luzzati_sigma_a_free            0.19 
_refine_analyze.Luzzati_d_res_low_free          ? 
_refine_analyze.number_disordered_residues      ? 
_refine_analyze.occupancy_sum_hydrogen          ? 
_refine_analyze.occupancy_sum_non_hydrogen      ? 
_refine_analyze.pdbx_refine_id                  'X-RAY DIFFRACTION' 
# 
_refine_hist.pdbx_refine_id                   'X-RAY DIFFRACTION' 
_refine_hist.cycle_id                         LAST 
_refine_hist.pdbx_number_atoms_protein        0 
_refine_hist.pdbx_number_atoms_nucleic_acid   404 
_refine_hist.pdbx_number_atoms_ligand         4 
_refine_hist.number_atoms_solvent             130 
_refine_hist.number_atoms_total               538 
_refine_hist.d_res_high                       1.56 
_refine_hist.d_res_low                        19.23 
# 
loop_
_refine_ls_restr.type 
_refine_ls_restr.dev_ideal 
_refine_ls_restr.dev_ideal_target 
_refine_ls_restr.weight 
_refine_ls_restr.number 
_refine_ls_restr.pdbx_refine_id 
_refine_ls_restr.pdbx_restraint_function 
c_bond_d                0.024 ?     ? ? 'X-RAY DIFFRACTION' ? 
c_bond_d_na             ?     ?     ? ? 'X-RAY DIFFRACTION' ? 
c_bond_d_prot           ?     ?     ? ? 'X-RAY DIFFRACTION' ? 
c_angle_d               ?     ?     ? ? 'X-RAY DIFFRACTION' ? 
c_angle_d_na            ?     ?     ? ? 'X-RAY DIFFRACTION' ? 
c_angle_d_prot          ?     ?     ? ? 'X-RAY DIFFRACTION' ? 
c_angle_deg             3.3   ?     ? ? 'X-RAY DIFFRACTION' ? 
c_angle_deg_na          ?     ?     ? ? 'X-RAY DIFFRACTION' ? 
c_angle_deg_prot        ?     ?     ? ? 'X-RAY DIFFRACTION' ? 
c_dihedral_angle_d      29.1  ?     ? ? 'X-RAY DIFFRACTION' ? 
c_dihedral_angle_d_na   ?     ?     ? ? 'X-RAY DIFFRACTION' ? 
c_dihedral_angle_d_prot ?     ?     ? ? 'X-RAY DIFFRACTION' ? 
c_improper_angle_d      3.19  ?     ? ? 'X-RAY DIFFRACTION' ? 
c_improper_angle_d_na   ?     ?     ? ? 'X-RAY DIFFRACTION' ? 
c_improper_angle_d_prot ?     ?     ? ? 'X-RAY DIFFRACTION' ? 
c_mcbond_it             1.213 ?     ? ? 'X-RAY DIFFRACTION' ? 
c_mcangle_it            1.317 0.000 ? ? 'X-RAY DIFFRACTION' ? 
c_scbond_it             1.978 0.000 ? ? 'X-RAY DIFFRACTION' ? 
c_scangle_it            2.507 0.000 ? ? 'X-RAY DIFFRACTION' ? 
# 
_refine_ls_shell.pdbx_total_number_of_bins_used   6 
_refine_ls_shell.d_res_high                       1.56 
_refine_ls_shell.d_res_low                        1.66 
_refine_ls_shell.number_reflns_R_work             1060 
_refine_ls_shell.R_factor_R_work                  0.245 
_refine_ls_shell.percent_reflns_obs               96.5 
_refine_ls_shell.R_factor_R_free                  0.349 
_refine_ls_shell.R_factor_R_free_error            0.033 
_refine_ls_shell.percent_reflns_R_free            9.7 
_refine_ls_shell.number_reflns_R_free             114 
_refine_ls_shell.redundancy_reflns_obs            ? 
_refine_ls_shell.pdbx_refine_id                   'X-RAY DIFFRACTION' 
_refine_ls_shell.number_reflns_all                ? 
_refine_ls_shell.R_factor_all                     ? 
# 
loop_
_pdbx_xplor_file.serial_no 
_pdbx_xplor_file.param_file 
_pdbx_xplor_file.topol_file 
_pdbx_xplor_file.pdbx_refine_id 
1 CNS_TOPPAR:DNA-RNA_REP.PARAM CNS_TOPPAR:DNA-RNA.TOP  'X-RAY DIFFRACTION' 
2 CNS_TOPPAR:WATER_REP.PARAM   CNS_TOPPAR:DNA-RNA.LINK 'X-RAY DIFFRACTION' 
3 CNS_TOPPAR:ION.PARAM         CNS_TOPPAR:WATER.TOP    'X-RAY DIFFRACTION' 
4 ?                            CNS_TOPPAR:ION.TOP      'X-RAY DIFFRACTION' 
# 
_struct.entry_id                  1ZFA 
_struct.title                     'GGA Duplex A-DNA' 
_struct.pdbx_model_details        ? 
_struct.pdbx_CASP_flag            ? 
_struct.pdbx_model_type_details   ? 
# 
_struct_keywords.text            'Crystallographic Screen, DNA Structure, Holliday Junction, Molecular Structure, DNA' 
_struct_keywords.entry_id        1ZFA 
_struct_keywords.pdbx_keywords   DNA 
# 
loop_
_struct_asym.id 
_struct_asym.pdbx_blank_PDB_chainid_flag 
_struct_asym.pdbx_modified 
_struct_asym.entity_id 
_struct_asym.details 
A N N 1 ? 
B N N 1 ? 
C N N 2 ? 
D N N 2 ? 
E N N 2 ? 
F N N 3 ? 
G N N 4 ? 
H N N 4 ? 
# 
_struct_biol.id                    1 
_struct_biol.pdbx_parent_biol_id   ? 
_struct_biol.details               ? 
# 
loop_
_struct_conn.id 
_struct_conn.conn_type_id 
_struct_conn.pdbx_leaving_atom_flag 
_struct_conn.pdbx_PDB_id 
_struct_conn.ptnr1_label_asym_id 
_struct_conn.ptnr1_label_comp_id 
_struct_conn.ptnr1_label_seq_id 
_struct_conn.ptnr1_label_atom_id 
_struct_conn.pdbx_ptnr1_label_alt_id 
_struct_conn.pdbx_ptnr1_PDB_ins_code 
_struct_conn.pdbx_ptnr1_standard_comp_id 
_struct_conn.ptnr1_symmetry 
_struct_conn.ptnr2_label_asym_id 
_struct_conn.ptnr2_label_comp_id 
_struct_conn.ptnr2_label_seq_id 
_struct_conn.ptnr2_label_atom_id 
_struct_conn.pdbx_ptnr2_label_alt_id 
_struct_conn.pdbx_ptnr2_PDB_ins_code 
_struct_conn.ptnr1_auth_asym_id 
_struct_conn.ptnr1_auth_comp_id 
_struct_conn.ptnr1_auth_seq_id 
_struct_conn.ptnr2_auth_asym_id 
_struct_conn.ptnr2_auth_comp_id 
_struct_conn.ptnr2_auth_seq_id 
_struct_conn.ptnr2_symmetry 
_struct_conn.pdbx_ptnr3_label_atom_id 
_struct_conn.pdbx_ptnr3_label_seq_id 
_struct_conn.pdbx_ptnr3_label_comp_id 
_struct_conn.pdbx_ptnr3_label_asym_id 
_struct_conn.pdbx_ptnr3_label_alt_id 
_struct_conn.pdbx_ptnr3_PDB_ins_code 
_struct_conn.details 
_struct_conn.pdbx_dist_value 
_struct_conn.pdbx_value_order 
_struct_conn.pdbx_role 
metalc1  metalc ? ? C NA .  NA ? ? ? 1_555 G HOH .  O  ? ? A NA 21 A HOH 34  1_555 ? ? ? ? ? ? ?            2.235 ? ? 
metalc2  metalc ? ? C NA .  NA ? ? ? 1_555 G HOH .  O  ? ? A NA 21 A HOH 83  1_555 ? ? ? ? ? ? ?            2.089 ? ? 
metalc3  metalc ? ? F CA .  CA ? ? ? 1_555 H HOH .  O  ? ? B CA 22 B HOH 27  1_555 ? ? ? ? ? ? ?            2.233 ? ? 
metalc4  metalc ? ? F CA .  CA ? ? ? 1_555 H HOH .  O  ? ? B CA 22 B HOH 38  1_555 ? ? ? ? ? ? ?            2.302 ? ? 
metalc5  metalc ? ? F CA .  CA ? ? ? 1_555 H HOH .  O  ? ? B CA 22 B HOH 40  1_555 ? ? ? ? ? ? ?            2.448 ? ? 
metalc6  metalc ? ? F CA .  CA ? ? ? 1_555 H HOH .  O  ? ? B CA 22 B HOH 55  1_555 ? ? ? ? ? ? ?            2.473 ? ? 
metalc7  metalc ? ? F CA .  CA ? ? ? 1_555 H HOH .  O  ? ? B CA 22 B HOH 65  1_555 ? ? ? ? ? ? ?            2.889 ? ? 
metalc8  metalc ? ? F CA .  CA ? ? ? 1_555 H HOH .  O  ? ? B CA 22 B HOH 127 1_555 ? ? ? ? ? ? ?            2.683 ? ? 
metalc9  metalc ? ? D NA .  NA ? ? ? 1_555 H HOH .  O  ? ? B NA 23 B HOH 68  1_555 ? ? ? ? ? ? ?            2.991 ? ? 
metalc10 metalc ? ? D NA .  NA ? ? ? 1_555 H HOH .  O  ? ? B NA 23 B HOH 73  1_555 ? ? ? ? ? ? ?            2.287 ? ? 
metalc11 metalc ? ? D NA .  NA ? ? ? 1_555 H HOH .  O  ? ? B NA 23 B HOH 141 1_555 ? ? ? ? ? ? ?            2.871 ? ? 
metalc12 metalc ? ? E NA .  NA ? ? ? 1_555 H HOH .  O  ? ? B NA 24 B HOH 36  1_555 ? ? ? ? ? ? ?            2.434 ? ? 
metalc13 metalc ? ? E NA .  NA ? ? ? 1_555 H HOH .  O  ? ? B NA 24 B HOH 82  1_555 ? ? ? ? ? ? ?            2.723 ? ? 
metalc14 metalc ? ? E NA .  NA ? ? ? 1_555 H HOH .  O  ? ? B NA 24 B HOH 142 1_555 ? ? ? ? ? ? ?            2.322 ? ? 
hydrog1  hydrog ? ? A DC 1  N3 ? ? ? 1_555 B DG  10 N1 ? ? A DC 1  B DG  20  1_555 ? ? ? ? ? ? WATSON-CRICK ?     ? ? 
hydrog2  hydrog ? ? A DC 1  N4 ? ? ? 1_555 B DG  10 O6 ? ? A DC 1  B DG  20  1_555 ? ? ? ? ? ? WATSON-CRICK ?     ? ? 
hydrog3  hydrog ? ? A DC 1  O2 ? ? ? 1_555 B DG  10 N2 ? ? A DC 1  B DG  20  1_555 ? ? ? ? ? ? WATSON-CRICK ?     ? ? 
hydrog4  hydrog ? ? A DC 2  N3 ? ? ? 1_555 B DG  9  N1 ? ? A DC 2  B DG  19  1_555 ? ? ? ? ? ? WATSON-CRICK ?     ? ? 
hydrog5  hydrog ? ? A DC 2  N4 ? ? ? 1_555 B DG  9  O6 ? ? A DC 2  B DG  19  1_555 ? ? ? ? ? ? WATSON-CRICK ?     ? ? 
hydrog6  hydrog ? ? A DC 2  O2 ? ? ? 1_555 B DG  9  N2 ? ? A DC 2  B DG  19  1_555 ? ? ? ? ? ? WATSON-CRICK ?     ? ? 
hydrog7  hydrog ? ? A DT 3  N3 ? ? ? 1_555 B DA  8  N1 ? ? A DT 3  B DA  18  1_555 ? ? ? ? ? ? WATSON-CRICK ?     ? ? 
hydrog8  hydrog ? ? A DT 3  O4 ? ? ? 1_555 B DA  8  N6 ? ? A DT 3  B DA  18  1_555 ? ? ? ? ? ? WATSON-CRICK ?     ? ? 
hydrog9  hydrog ? ? A DC 4  N3 ? ? ? 1_555 B DG  7  N1 ? ? A DC 4  B DG  17  1_555 ? ? ? ? ? ? WATSON-CRICK ?     ? ? 
hydrog10 hydrog ? ? A DC 4  N4 ? ? ? 1_555 B DG  7  O6 ? ? A DC 4  B DG  17  1_555 ? ? ? ? ? ? WATSON-CRICK ?     ? ? 
hydrog11 hydrog ? ? A DC 4  O2 ? ? ? 1_555 B DG  7  N2 ? ? A DC 4  B DG  17  1_555 ? ? ? ? ? ? WATSON-CRICK ?     ? ? 
hydrog12 hydrog ? ? A DC 5  N3 ? ? ? 1_555 B DG  6  N1 ? ? A DC 5  B DG  16  1_555 ? ? ? ? ? ? WATSON-CRICK ?     ? ? 
hydrog13 hydrog ? ? A DC 5  N4 ? ? ? 1_555 B DG  6  O6 ? ? A DC 5  B DG  16  1_555 ? ? ? ? ? ? WATSON-CRICK ?     ? ? 
hydrog14 hydrog ? ? A DC 5  O2 ? ? ? 1_555 B DG  6  N2 ? ? A DC 5  B DG  16  1_555 ? ? ? ? ? ? WATSON-CRICK ?     ? ? 
hydrog15 hydrog ? ? A DG 6  N1 ? ? ? 1_555 B DC  5  N3 ? ? A DG 6  B DC  15  1_555 ? ? ? ? ? ? WATSON-CRICK ?     ? ? 
hydrog16 hydrog ? ? A DG 6  N2 ? ? ? 1_555 B DC  5  O2 ? ? A DG 6  B DC  15  1_555 ? ? ? ? ? ? WATSON-CRICK ?     ? ? 
hydrog17 hydrog ? ? A DG 6  O6 ? ? ? 1_555 B DC  5  N4 ? ? A DG 6  B DC  15  1_555 ? ? ? ? ? ? WATSON-CRICK ?     ? ? 
hydrog18 hydrog ? ? A DG 7  N1 ? ? ? 1_555 B DC  4  N3 ? ? A DG 7  B DC  14  1_555 ? ? ? ? ? ? WATSON-CRICK ?     ? ? 
hydrog19 hydrog ? ? A DG 7  N2 ? ? ? 1_555 B DC  4  O2 ? ? A DG 7  B DC  14  1_555 ? ? ? ? ? ? WATSON-CRICK ?     ? ? 
hydrog20 hydrog ? ? A DG 7  O6 ? ? ? 1_555 B DC  4  N4 ? ? A DG 7  B DC  14  1_555 ? ? ? ? ? ? WATSON-CRICK ?     ? ? 
hydrog21 hydrog ? ? A DA 8  N1 ? ? ? 1_555 B DT  3  N3 ? ? A DA 8  B DT  13  1_555 ? ? ? ? ? ? WATSON-CRICK ?     ? ? 
hydrog22 hydrog ? ? A DA 8  N6 ? ? ? 1_555 B DT  3  O4 ? ? A DA 8  B DT  13  1_555 ? ? ? ? ? ? WATSON-CRICK ?     ? ? 
hydrog23 hydrog ? ? A DG 9  N1 ? ? ? 1_555 B DC  2  N3 ? ? A DG 9  B DC  12  1_555 ? ? ? ? ? ? WATSON-CRICK ?     ? ? 
hydrog24 hydrog ? ? A DG 9  N2 ? ? ? 1_555 B DC  2  O2 ? ? A DG 9  B DC  12  1_555 ? ? ? ? ? ? WATSON-CRICK ?     ? ? 
hydrog25 hydrog ? ? A DG 9  O6 ? ? ? 1_555 B DC  2  N4 ? ? A DG 9  B DC  12  1_555 ? ? ? ? ? ? WATSON-CRICK ?     ? ? 
hydrog26 hydrog ? ? A DG 10 N2 ? ? ? 1_555 B DC  1  N3 ? ? A DG 10 B DC  11  1_555 ? ? ? ? ? ? 'DG-DC PAIR' ?     ? ? 
# 
loop_
_struct_conn_type.id 
_struct_conn_type.criteria 
_struct_conn_type.reference 
metalc ? ? 
hydrog ? ? 
# 
loop_
_struct_site.id 
_struct_site.pdbx_evidence_code 
_struct_site.pdbx_auth_asym_id 
_struct_site.pdbx_auth_comp_id 
_struct_site.pdbx_auth_seq_id 
_struct_site.pdbx_auth_ins_code 
_struct_site.pdbx_num_residues 
_struct_site.details 
AC1 Software A NA 21 ? 3 'BINDING SITE FOR RESIDUE NA A 21' 
AC2 Software B NA 23 ? 4 'BINDING SITE FOR RESIDUE NA B 23' 
AC3 Software B NA 24 ? 4 'BINDING SITE FOR RESIDUE NA B 24' 
AC4 Software B CA 22 ? 6 'BINDING SITE FOR RESIDUE CA B 22' 
# 
loop_
_struct_site_gen.id 
_struct_site_gen.site_id 
_struct_site_gen.pdbx_num_res 
_struct_site_gen.label_comp_id 
_struct_site_gen.label_asym_id 
_struct_site_gen.label_seq_id 
_struct_site_gen.pdbx_auth_ins_code 
_struct_site_gen.auth_comp_id 
_struct_site_gen.auth_asym_id 
_struct_site_gen.auth_seq_id 
_struct_site_gen.label_atom_id 
_struct_site_gen.label_alt_id 
_struct_site_gen.symmetry 
_struct_site_gen.details 
1  AC1 3 HOH G . ? HOH A 34  . ? 1_555 ? 
2  AC1 3 HOH G . ? HOH A 83  . ? 1_555 ? 
3  AC1 3 HOH G . ? HOH A 116 . ? 1_555 ? 
4  AC2 4 HOH G . ? HOH A 49  . ? 3_656 ? 
5  AC2 4 HOH H . ? HOH B 68  . ? 1_555 ? 
6  AC2 4 HOH H . ? HOH B 73  . ? 1_555 ? 
7  AC2 4 HOH H . ? HOH B 141 . ? 1_555 ? 
8  AC3 4 HOH H . ? HOH B 36  . ? 1_555 ? 
9  AC3 4 HOH H . ? HOH B 82  . ? 1_555 ? 
10 AC3 4 HOH H . ? HOH B 142 . ? 1_555 ? 
11 AC3 4 HOH H . ? HOH B 144 . ? 1_555 ? 
12 AC4 6 HOH H . ? HOH B 27  . ? 1_555 ? 
13 AC4 6 HOH H . ? HOH B 38  . ? 1_555 ? 
14 AC4 6 HOH H . ? HOH B 40  . ? 1_555 ? 
15 AC4 6 HOH H . ? HOH B 55  . ? 1_555 ? 
16 AC4 6 HOH H . ? HOH B 65  . ? 1_555 ? 
17 AC4 6 HOH H . ? HOH B 127 . ? 1_555 ? 
# 
_atom_sites.entry_id                    1ZFA 
_atom_sites.fract_transf_matrix[1][1]   0.02907712 
_atom_sites.fract_transf_matrix[1][2]   0.02821726 
_atom_sites.fract_transf_matrix[1][3]   -0.01022879 
_atom_sites.fract_transf_matrix[2][1]   0.01297687 
_atom_sites.fract_transf_matrix[2][2]   -0.00730048 
_atom_sites.fract_transf_matrix[2][3]   0.01674983 
_atom_sites.fract_transf_matrix[3][1]   0.00908368 
_atom_sites.fract_transf_matrix[3][2]   -0.01414676 
_atom_sites.fract_transf_matrix[3][3]   -0.01320348 
_atom_sites.fract_transf_vector[1]      0.603769 
_atom_sites.fract_transf_vector[2]      0.478751 
_atom_sites.fract_transf_vector[3]      0.711488 
# 
loop_
_atom_type.symbol 
C  
CA 
N  
NA 
O  
P  
# 
loop_
_atom_site.group_PDB 
_atom_site.id 
_atom_site.type_symbol 
_atom_site.label_atom_id 
_atom_site.label_alt_id 
_atom_site.label_comp_id 
_atom_site.label_asym_id 
_atom_site.label_entity_id 
_atom_site.label_seq_id 
_atom_site.pdbx_PDB_ins_code 
_atom_site.Cartn_x 
_atom_site.Cartn_y 
_atom_site.Cartn_z 
_atom_site.occupancy 
_atom_site.B_iso_or_equiv 
_atom_site.pdbx_formal_charge 
_atom_site.auth_seq_id 
_atom_site.auth_comp_id 
_atom_site.auth_asym_id 
_atom_site.auth_atom_id 
_atom_site.pdbx_PDB_model_num 
ATOM   1   O  "O5'" . DC  A 1 1  ? -2.863  -5.966  11.669  1.00 9.58  ? 1   DC  A "O5'" 1 
ATOM   2   C  "C5'" . DC  A 1 1  ? -2.470  -5.523  12.988  1.00 7.29  ? 1   DC  A "C5'" 1 
ATOM   3   C  "C4'" . DC  A 1 1  ? -0.984  -5.499  13.250  1.00 6.10  ? 1   DC  A "C4'" 1 
ATOM   4   O  "O4'" . DC  A 1 1  ? -0.679  -6.905  13.365  1.00 4.18  ? 1   DC  A "O4'" 1 
ATOM   5   C  "C3'" . DC  A 1 1  ? -0.099  -4.954  12.126  1.00 3.41  ? 1   DC  A "C3'" 1 
ATOM   6   O  "O3'" . DC  A 1 1  ? 0.527   -3.747  12.414  1.00 2.21  ? 1   DC  A "O3'" 1 
ATOM   7   C  "C2'" . DC  A 1 1  ? 1.000   -5.987  11.958  1.00 4.55  ? 1   DC  A "C2'" 1 
ATOM   8   C  "C1'" . DC  A 1 1  ? 0.415   -7.245  12.523  1.00 4.43  ? 1   DC  A "C1'" 1 
ATOM   9   N  N1    . DC  A 1 1  ? -0.119  -8.039  11.375  1.00 4.58  ? 1   DC  A N1    1 
ATOM   10  C  C2    . DC  A 1 1  ? 0.824   -8.510  10.439  1.00 4.55  ? 1   DC  A C2    1 
ATOM   11  O  O2    . DC  A 1 1  ? 1.988   -8.193  10.636  1.00 4.07  ? 1   DC  A O2    1 
ATOM   12  N  N3    . DC  A 1 1  ? 0.415   -9.242  9.339   1.00 4.25  ? 1   DC  A N3    1 
ATOM   13  C  C4    . DC  A 1 1  ? -0.889  -9.416  9.138   1.00 3.40  ? 1   DC  A C4    1 
ATOM   14  N  N4    . DC  A 1 1  ? -1.286  -10.020 7.999   1.00 4.46  ? 1   DC  A N4    1 
ATOM   15  C  C5    . DC  A 1 1  ? -1.866  -8.944  10.084  1.00 4.45  ? 1   DC  A C5    1 
ATOM   16  C  C6    . DC  A 1 1  ? -1.435  -8.285  11.171  1.00 5.08  ? 1   DC  A C6    1 
ATOM   17  P  P     . DC  A 1 2  ? 0.874   -2.750  11.224  1.00 4.64  ? 2   DC  A P     1 
ATOM   18  O  OP1   . DC  A 1 2  ? 1.154   -1.505  11.913  1.00 4.67  ? 2   DC  A OP1   1 
ATOM   19  O  OP2   . DC  A 1 2  ? -0.194  -2.767  10.165  1.00 5.43  ? 2   DC  A OP2   1 
ATOM   20  O  "O5'" . DC  A 1 2  ? 2.249   -3.341  10.517  1.00 1.21  ? 2   DC  A "O5'" 1 
ATOM   21  C  "C5'" . DC  A 1 2  ? 3.445   -3.442  11.311  1.00 2.83  ? 2   DC  A "C5'" 1 
ATOM   22  C  "C4'" . DC  A 1 2  ? 4.616   -3.889  10.463  1.00 1.77  ? 2   DC  A "C4'" 1 
ATOM   23  O  "O4'" . DC  A 1 2  ? 4.330   -5.253  10.226  1.00 1.00  ? 2   DC  A "O4'" 1 
ATOM   24  C  "C3'" . DC  A 1 2  ? 4.673   -3.283  9.078   1.00 1.09  ? 2   DC  A "C3'" 1 
ATOM   25  O  "O3'" . DC  A 1 2  ? 5.544   -2.194  9.006   1.00 2.97  ? 2   DC  A "O3'" 1 
ATOM   26  C  "C2'" . DC  A 1 2  ? 5.238   -4.383  8.196   1.00 3.35  ? 2   DC  A "C2'" 1 
ATOM   27  C  "C1'" . DC  A 1 2  ? 4.820   -5.660  8.956   1.00 1.42  ? 2   DC  A "C1'" 1 
ATOM   28  N  N1    . DC  A 1 2  ? 3.652   -6.174  8.158   1.00 1.41  ? 2   DC  A N1    1 
ATOM   29  C  C2    . DC  A 1 2  ? 3.888   -6.887  6.990   1.00 1.00  ? 2   DC  A C2    1 
ATOM   30  O  O2    . DC  A 1 2  ? 5.003   -7.008  6.623   1.00 1.88  ? 2   DC  A O2    1 
ATOM   31  N  N3    . DC  A 1 2  ? 2.872   -7.413  6.272   1.00 1.79  ? 2   DC  A N3    1 
ATOM   32  C  C4    . DC  A 1 2  ? 1.610   -7.183  6.637   1.00 1.00  ? 2   DC  A C4    1 
ATOM   33  N  N4    . DC  A 1 2  ? 0.639   -7.719  5.856   1.00 1.00  ? 2   DC  A N4    1 
ATOM   34  C  C5    . DC  A 1 2  ? 1.288   -6.425  7.822   1.00 1.00  ? 2   DC  A C5    1 
ATOM   35  C  C6    . DC  A 1 2  ? 2.352   -5.954  8.568   1.00 1.26  ? 2   DC  A C6    1 
ATOM   36  P  P     . DT  A 1 3  ? 5.377   -1.182  7.786   1.00 3.94  ? 3   DT  A P     1 
ATOM   37  O  OP1   . DT  A 1 3  ? 6.014   0.157   8.069   1.00 6.20  ? 3   DT  A OP1   1 
ATOM   38  O  OP2   . DT  A 1 3  ? 4.041   -1.293  7.330   1.00 2.30  ? 3   DT  A OP2   1 
ATOM   39  O  "O5'" . DT  A 1 3  ? 6.192   -1.946  6.637   1.00 4.19  ? 3   DT  A "O5'" 1 
ATOM   40  C  "C5'" . DT  A 1 3  ? 7.590   -1.800  6.511   1.00 7.62  ? 3   DT  A "C5'" 1 
ATOM   41  C  "C4'" . DT  A 1 3  ? 8.195   -2.976  5.773   1.00 6.63  ? 3   DT  A "C4'" 1 
ATOM   42  O  "O4'" . DT  A 1 3  ? 7.269   -4.061  5.568   1.00 2.73  ? 3   DT  A "O4'" 1 
ATOM   43  C  "C3'" . DT  A 1 3  ? 8.812   -2.719  4.400   1.00 9.20  ? 3   DT  A "C3'" 1 
ATOM   44  O  "O3'" . DT  A 1 3  ? 9.797   -3.758  4.328   1.00 13.35 ? 3   DT  A "O3'" 1 
ATOM   45  C  "C2'" . DT  A 1 3  ? 7.746   -3.185  3.448   1.00 5.54  ? 3   DT  A "C2'" 1 
ATOM   46  C  "C1'" . DT  A 1 3  ? 7.259   -4.430  4.179   1.00 3.16  ? 3   DT  A "C1'" 1 
ATOM   47  N  N1    . DT  A 1 3  ? 5.902   -4.658  3.774   1.00 2.06  ? 3   DT  A N1    1 
ATOM   48  C  C2    . DT  A 1 3  ? 5.740   -5.501  2.700   1.00 3.53  ? 3   DT  A C2    1 
ATOM   49  O  O2    . DT  A 1 3  ? 6.679   -5.985  2.012   1.00 1.40  ? 3   DT  A O2    1 
ATOM   50  N  N3    . DT  A 1 3  ? 4.419   -5.765  2.420   1.00 1.00  ? 3   DT  A N3    1 
ATOM   51  C  C4    . DT  A 1 3  ? 3.324   -5.296  3.061   1.00 1.31  ? 3   DT  A C4    1 
ATOM   52  O  O4    . DT  A 1 3  ? 2.261   -5.677  2.719   1.00 3.97  ? 3   DT  A O4    1 
ATOM   53  C  C5    . DT  A 1 3  ? 3.562   -4.380  4.146   1.00 2.24  ? 3   DT  A C5    1 
ATOM   54  C  C7    . DT  A 1 3  ? 2.371   -3.809  4.862   1.00 4.12  ? 3   DT  A C7    1 
ATOM   55  C  C6    . DT  A 1 3  ? 4.821   -4.105  4.436   1.00 3.90  ? 3   DT  A C6    1 
ATOM   56  P  P     . DC  A 1 4  ? 10.786  -3.795  3.104   1.00 18.38 ? 4   DC  A P     1 
ATOM   57  O  OP1   . DC  A 1 4  ? 11.701  -4.860  3.652   1.00 15.26 ? 4   DC  A OP1   1 
ATOM   58  O  OP2   . DC  A 1 4  ? 11.239  -2.373  3.033   1.00 15.92 ? 4   DC  A OP2   1 
ATOM   59  O  "O5'" . DC  A 1 4  ? 9.781   -4.226  1.895   1.00 14.73 ? 4   DC  A "O5'" 1 
ATOM   60  C  "C5'" . DC  A 1 4  ? 10.228  -4.746  0.614   1.00 14.04 ? 4   DC  A "C5'" 1 
ATOM   61  C  "C4'" . DC  A 1 4  ? 9.466   -4.116  -0.549  1.00 13.79 ? 4   DC  A "C4'" 1 
ATOM   62  O  "O4'" . DC  A 1 4  ? 8.037   -4.450  -0.623  1.00 10.74 ? 4   DC  A "O4'" 1 
ATOM   63  C  "C3'" . DC  A 1 4  ? 9.480   -2.576  -0.565  1.00 13.75 ? 4   DC  A "C3'" 1 
ATOM   64  O  "O3'" . DC  A 1 4  ? 9.266   -2.026  -1.889  1.00 16.27 ? 4   DC  A "O3'" 1 
ATOM   65  C  "C2'" . DC  A 1 4  ? 8.196   -2.312  0.114   1.00 13.49 ? 4   DC  A "C2'" 1 
ATOM   66  C  "C1'" . DC  A 1 4  ? 7.418   -3.203  -0.757  1.00 9.78  ? 4   DC  A "C1'" 1 
ATOM   67  N  N1    . DC  A 1 4  ? 6.034   -3.250  -0.356  1.00 4.20  ? 4   DC  A N1    1 
ATOM   68  C  C2    . DC  A 1 4  ? 5.118   -3.983  -1.102  1.00 4.39  ? 4   DC  A C2    1 
ATOM   69  O  O2    . DC  A 1 4  ? 5.499   -4.665  -2.103  1.00 4.37  ? 4   DC  A O2    1 
ATOM   70  N  N3    . DC  A 1 4  ? 3.856   -3.952  -0.784  1.00 1.00  ? 4   DC  A N3    1 
ATOM   71  C  C4    . DC  A 1 4  ? 3.456   -3.202  0.252   1.00 1.52  ? 4   DC  A C4    1 
ATOM   72  N  N4    . DC  A 1 4  ? 2.174   -3.205  0.529   1.00 1.00  ? 4   DC  A N4    1 
ATOM   73  C  C5    . DC  A 1 4  ? 4.390   -2.422  1.046   1.00 1.00  ? 4   DC  A C5    1 
ATOM   74  C  C6    . DC  A 1 4  ? 5.632   -2.508  0.730   1.00 3.99  ? 4   DC  A C6    1 
ATOM   75  P  P     . DC  A 1 5  ? 9.583   -0.473  -2.117  1.00 14.90 ? 5   DC  A P     1 
ATOM   76  O  OP1   . DC  A 1 5  ? 11.062  -0.455  -2.349  1.00 15.27 ? 5   DC  A OP1   1 
ATOM   77  O  OP2   . DC  A 1 5  ? 9.029   0.334   -1.025  1.00 13.98 ? 5   DC  A OP2   1 
ATOM   78  O  "O5'" . DC  A 1 5  ? 8.963   0.027   -3.526  1.00 12.23 ? 5   DC  A "O5'" 1 
ATOM   79  C  "C5'" . DC  A 1 5  ? 7.724   -0.460  -4.087  1.00 8.88  ? 5   DC  A "C5'" 1 
ATOM   80  C  "C4'" . DC  A 1 5  ? 7.893   -1.354  -5.321  1.00 7.19  ? 5   DC  A "C4'" 1 
ATOM   81  O  "O4'" . DC  A 1 5  ? 7.071   -2.556  -5.078  1.00 5.93  ? 5   DC  A "O4'" 1 
ATOM   82  C  "C3'" . DC  A 1 5  ? 7.176   -0.704  -6.549  1.00 6.75  ? 5   DC  A "C3'" 1 
ATOM   83  O  "O3'" . DC  A 1 5  ? 7.864   -0.560  -7.765  1.00 8.58  ? 5   DC  A "O3'" 1 
ATOM   84  C  "C2'" . DC  A 1 5  ? 5.959   -1.498  -6.886  1.00 3.09  ? 5   DC  A "C2'" 1 
ATOM   85  C  "C1'" . DC  A 1 5  ? 5.816   -2.529  -5.809  1.00 2.98  ? 5   DC  A "C1'" 1 
ATOM   86  N  N1    . DC  A 1 5  ? 4.696   -2.146  -4.898  1.00 1.38  ? 5   DC  A N1    1 
ATOM   87  C  C2    . DC  A 1 5  ? 3.352   -2.556  -5.195  1.00 2.59  ? 5   DC  A C2    1 
ATOM   88  O  O2    . DC  A 1 5  ? 3.118   -3.078  -6.233  1.00 2.73  ? 5   DC  A O2    1 
ATOM   89  N  N3    . DC  A 1 5  ? 2.352   -2.323  -4.265  1.00 1.00  ? 5   DC  A N3    1 
ATOM   90  C  C4    . DC  A 1 5  ? 2.660   -1.660  -3.158  1.00 1.00  ? 5   DC  A C4    1 
ATOM   91  N  N4    . DC  A 1 5  ? 1.720   -1.410  -2.262  1.00 2.08  ? 5   DC  A N4    1 
ATOM   92  C  C5    . DC  A 1 5  ? 3.997   -1.189  -2.908  1.00 1.00  ? 5   DC  A C5    1 
ATOM   93  C  C6    . DC  A 1 5  ? 4.941   -1.451  -3.789  1.00 1.51  ? 5   DC  A C6    1 
ATOM   94  P  P     . DG  A 1 6  ? 7.669   0.828   -8.542  1.00 9.40  ? 6   DG  A P     1 
ATOM   95  O  OP1   . DG  A 1 6  ? 8.589   0.811   -9.700  1.00 9.80  ? 6   DG  A OP1   1 
ATOM   96  O  OP2   . DG  A 1 6  ? 7.680   1.868   -7.532  1.00 5.04  ? 6   DG  A OP2   1 
ATOM   97  O  "O5'" . DG  A 1 6  ? 6.195   0.816   -9.129  1.00 5.64  ? 6   DG  A "O5'" 1 
ATOM   98  C  "C5'" . DG  A 1 6  ? 5.961   0.343   -10.417 1.00 5.71  ? 6   DG  A "C5'" 1 
ATOM   99  C  "C4'" . DG  A 1 6  ? 4.479   0.441   -10.734 1.00 9.04  ? 6   DG  A "C4'" 1 
ATOM   100 O  "O4'" . DG  A 1 6  ? 3.692   -0.260  -9.724  1.00 7.69  ? 6   DG  A "O4'" 1 
ATOM   101 C  "C3'" . DG  A 1 6  ? 3.981   1.858   -10.641 1.00 7.06  ? 6   DG  A "C3'" 1 
ATOM   102 O  "O3'" . DG  A 1 6  ? 4.000   2.403   -11.926 1.00 11.65 ? 6   DG  A "O3'" 1 
ATOM   103 C  "C2'" . DG  A 1 6  ? 2.509   1.725   -10.249 1.00 8.47  ? 6   DG  A "C2'" 1 
ATOM   104 C  "C1'" . DG  A 1 6  ? 2.383   0.356   -9.650  1.00 6.54  ? 6   DG  A "C1'" 1 
ATOM   105 N  N9    . DG  A 1 6  ? 2.036   0.545   -8.240  1.00 5.12  ? 6   DG  A N9    1 
ATOM   106 C  C8    . DG  A 1 6  ? 2.892   0.764   -7.194  1.00 3.83  ? 6   DG  A C8    1 
ATOM   107 N  N7    . DG  A 1 6  ? 2.283   0.914   -6.065  1.00 3.28  ? 6   DG  A N7    1 
ATOM   108 C  C5    . DG  A 1 6  ? 0.949   0.769   -6.366  1.00 1.81  ? 6   DG  A C5    1 
ATOM   109 C  C6    . DG  A 1 6  ? -0.186  0.800   -5.522  1.00 1.00  ? 6   DG  A C6    1 
ATOM   110 O  O6    . DG  A 1 6  ? -0.217  0.980   -4.307  1.00 1.50  ? 6   DG  A O6    1 
ATOM   111 N  N1    . DG  A 1 6  ? -1.372  0.633   -6.248  1.00 1.00  ? 6   DG  A N1    1 
ATOM   112 C  C2    . DG  A 1 6  ? -1.424  0.470   -7.630  1.00 2.52  ? 6   DG  A C2    1 
ATOM   113 N  N2    . DG  A 1 6  ? -2.582  0.379   -8.235  1.00 1.00  ? 6   DG  A N2    1 
ATOM   114 N  N3    . DG  A 1 6  ? -0.347  0.430   -8.394  1.00 2.12  ? 6   DG  A N3    1 
ATOM   115 C  C4    . DG  A 1 6  ? 0.774   0.573   -7.703  1.00 3.24  ? 6   DG  A C4    1 
ATOM   116 P  P     . DG  A 1 7  ? 3.838   3.960   -12.068 1.00 14.35 ? 7   DG  A P     1 
ATOM   117 O  OP1   . DG  A 1 7  ? 3.826   4.141   -13.540 1.00 14.96 ? 7   DG  A OP1   1 
ATOM   118 O  OP2   . DG  A 1 7  ? 4.857   4.699   -11.230 1.00 16.94 ? 7   DG  A OP2   1 
ATOM   119 O  "O5'" . DG  A 1 7  ? 2.438   4.166   -11.326 1.00 13.35 ? 7   DG  A "O5'" 1 
ATOM   120 C  "C5'" . DG  A 1 7  ? 1.209   4.283   -11.997 1.00 10.50 ? 7   DG  A "C5'" 1 
ATOM   121 C  "C4'" . DG  A 1 7  ? 0.152   4.872   -11.077 1.00 7.18  ? 7   DG  A "C4'" 1 
ATOM   122 O  "O4'" . DG  A 1 7  ? 0.023   3.901   -10.003 1.00 4.57  ? 7   DG  A "O4'" 1 
ATOM   123 C  "C3'" . DG  A 1 7  ? 0.278   6.212   -10.323 1.00 6.44  ? 7   DG  A "C3'" 1 
ATOM   124 O  "O3'" . DG  A 1 7  ? -0.343  7.414   -10.908 1.00 4.75  ? 7   DG  A "O3'" 1 
ATOM   125 C  "C2'" . DG  A 1 7  ? -0.651  5.949   -9.162  1.00 3.60  ? 7   DG  A "C2'" 1 
ATOM   126 C  "C1'" . DG  A 1 7  ? -0.902  4.448   -9.083  1.00 5.37  ? 7   DG  A "C1'" 1 
ATOM   127 N  N9    . DG  A 1 7  ? -0.445  4.139   -7.726  1.00 2.12  ? 7   DG  A N9    1 
ATOM   128 C  C8    . DG  A 1 7  ? 0.830   4.031   -7.276  1.00 2.56  ? 7   DG  A C8    1 
ATOM   129 N  N7    . DG  A 1 7  ? 0.900   3.951   -5.975  1.00 1.00  ? 7   DG  A N7    1 
ATOM   130 C  C5    . DG  A 1 7  ? -0.411  4.006   -5.544  1.00 2.95  ? 7   DG  A C5    1 
ATOM   131 C  C6    . DG  A 1 7  ? -0.946  4.051   -4.266  1.00 2.23  ? 7   DG  A C6    1 
ATOM   132 O  O6    . DG  A 1 7  ? -0.352  4.021   -3.189  1.00 1.00  ? 7   DG  A O6    1 
ATOM   133 N  N1    . DG  A 1 7  ? -2.353  4.159   -4.309  1.00 2.19  ? 7   DG  A N1    1 
ATOM   134 C  C2    . DG  A 1 7  ? -3.105  4.187   -5.421  1.00 1.84  ? 7   DG  A C2    1 
ATOM   135 N  N2    . DG  A 1 7  ? -4.487  4.244   -5.274  1.00 1.00  ? 7   DG  A N2    1 
ATOM   136 N  N3    . DG  A 1 7  ? -2.605  4.158   -6.622  1.00 2.24  ? 7   DG  A N3    1 
ATOM   137 C  C4    . DG  A 1 7  ? -1.263  4.056   -6.612  1.00 3.14  ? 7   DG  A C4    1 
ATOM   138 P  P     . DA  A 1 8  ? -0.066  8.894   -10.241 1.00 4.95  ? 8   DA  A P     1 
ATOM   139 O  OP1   . DA  A 1 8  ? -0.084  9.884   -11.327 1.00 6.11  ? 8   DA  A OP1   1 
ATOM   140 O  OP2   . DA  A 1 8  ? 1.071   8.923   -9.260  1.00 2.31  ? 8   DA  A OP2   1 
ATOM   141 O  "O5'" . DA  A 1 8  ? -1.349  9.126   -9.296  1.00 4.03  ? 8   DA  A "O5'" 1 
ATOM   142 C  "C5'" . DA  A 1 8  ? -2.682  9.091   -9.834  1.00 4.89  ? 8   DA  A "C5'" 1 
ATOM   143 C  "C4'" . DA  A 1 8  ? -3.717  9.233   -8.739  1.00 5.75  ? 8   DA  A "C4'" 1 
ATOM   144 O  "O4'" . DA  A 1 8  ? -3.764  8.052   -7.939  1.00 6.57  ? 8   DA  A "O4'" 1 
ATOM   145 C  "C3'" . DA  A 1 8  ? -3.474  10.329  -7.735  1.00 4.59  ? 8   DA  A "C3'" 1 
ATOM   146 O  "O3'" . DA  A 1 8  ? -4.026  11.503  -8.134  1.00 5.98  ? 8   DA  A "O3'" 1 
ATOM   147 C  "C2'" . DA  A 1 8  ? -4.220  9.843   -6.498  1.00 7.26  ? 8   DA  A "C2'" 1 
ATOM   148 C  "C1'" . DA  A 1 8  ? -4.248  8.315   -6.616  1.00 3.91  ? 8   DA  A "C1'" 1 
ATOM   149 N  N9    . DA  A 1 8  ? -3.304  7.786   -5.622  1.00 1.49  ? 8   DA  A N9    1 
ATOM   150 C  C8    . DA  A 1 8  ? -1.967  7.471   -5.822  1.00 1.00  ? 8   DA  A C8    1 
ATOM   151 N  N7    . DA  A 1 8  ? -1.285  7.269   -4.705  1.00 2.22  ? 8   DA  A N7    1 
ATOM   152 C  C5    . DA  A 1 8  ? -2.244  7.375   -3.696  1.00 1.00  ? 8   DA  A C5    1 
ATOM   153 C  C6    . DA  A 1 8  ? -2.164  7.221   -2.337  1.00 1.43  ? 8   DA  A C6    1 
ATOM   154 N  N6    . DA  A 1 8  ? -1.022  6.941   -1.695  1.00 1.00  ? 8   DA  A N6    1 
ATOM   155 N  N1    . DA  A 1 8  ? -3.297  7.356   -1.607  1.00 3.18  ? 8   DA  A N1    1 
ATOM   156 C  C2    . DA  A 1 8  ? -4.435  7.616   -2.215  1.00 2.13  ? 8   DA  A C2    1 
ATOM   157 N  N3    . DA  A 1 8  ? -4.660  7.779   -3.521  1.00 1.96  ? 8   DA  A N3    1 
ATOM   158 C  C4    . DA  A 1 8  ? -3.500  7.649   -4.237  1.00 1.43  ? 8   DA  A C4    1 
ATOM   159 P  P     . DG  A 1 9  ? -3.654  12.830  -7.343  1.00 5.10  ? 9   DG  A P     1 
ATOM   160 O  OP1   . DG  A 1 9  ? -4.235  13.928  -8.218  1.00 4.59  ? 9   DG  A OP1   1 
ATOM   161 O  OP2   . DG  A 1 9  ? -2.258  12.949  -6.846  1.00 9.19  ? 9   DG  A OP2   1 
ATOM   162 O  "O5'" . DG  A 1 9  ? -4.378  12.639  -5.974  1.00 2.94  ? 9   DG  A "O5'" 1 
ATOM   163 C  "C5'" . DG  A 1 9  ? -5.782  12.814  -5.877  1.00 1.00  ? 9   DG  A "C5'" 1 
ATOM   164 C  "C4'" . DG  A 1 9  ? -6.175  12.926  -4.430  1.00 3.01  ? 9   DG  A "C4'" 1 
ATOM   165 O  "O4'" . DG  A 1 9  ? -5.921  11.656  -3.796  1.00 2.70  ? 9   DG  A "O4'" 1 
ATOM   166 C  "C3'" . DG  A 1 9  ? -5.302  13.899  -3.696  1.00 3.86  ? 9   DG  A "C3'" 1 
ATOM   167 O  "O3'" . DG  A 1 9  ? -5.882  15.172  -3.518  1.00 1.00  ? 9   DG  A "O3'" 1 
ATOM   168 C  "C2'" . DG  A 1 9  ? -5.227  13.297  -2.317  1.00 5.48  ? 9   DG  A "C2'" 1 
ATOM   169 C  "C1'" . DG  A 1 9  ? -5.535  11.818  -2.460  1.00 2.87  ? 9   DG  A "C1'" 1 
ATOM   170 N  N9    . DG  A 1 9  ? -4.236  11.198  -2.240  1.00 2.60  ? 9   DG  A N9    1 
ATOM   171 C  C8    . DG  A 1 9  ? -3.228  10.909  -3.162  1.00 3.02  ? 9   DG  A C8    1 
ATOM   172 N  N7    . DG  A 1 9  ? -2.109  10.466  -2.593  1.00 4.23  ? 9   DG  A N7    1 
ATOM   173 C  C5    . DG  A 1 9  ? -2.427  10.450  -1.236  1.00 4.09  ? 9   DG  A C5    1 
ATOM   174 C  C6    . DG  A 1 9  ? -1.651  10.083  -0.033  1.00 5.34  ? 9   DG  A C6    1 
ATOM   175 O  O6    . DG  A 1 9  ? -0.424  9.751   0.066   1.00 5.61  ? 9   DG  A O6    1 
ATOM   176 N  N1    . DG  A 1 9  ? -2.454  10.168  1.133   1.00 4.48  ? 9   DG  A N1    1 
ATOM   177 C  C2    . DG  A 1 9  ? -3.769  10.553  1.190   1.00 3.50  ? 9   DG  A C2    1 
ATOM   178 N  N2    . DG  A 1 9  ? -4.412  10.462  2.393   1.00 3.53  ? 9   DG  A N2    1 
ATOM   179 N  N3    . DG  A 1 9  ? -4.473  10.983  0.141   1.00 4.33  ? 9   DG  A N3    1 
ATOM   180 C  C4    . DG  A 1 9  ? -3.760  10.884  -1.030  1.00 3.31  ? 9   DG  A C4    1 
ATOM   181 P  P     . DG  A 1 10 ? -4.955  16.305  -2.911  1.00 4.12  ? 10  DG  A P     1 
ATOM   182 O  OP1   . DG  A 1 10 ? -5.442  17.554  -3.519  1.00 2.79  ? 10  DG  A OP1   1 
ATOM   183 O  OP2   . DG  A 1 10 ? -3.471  15.995  -3.099  1.00 3.91  ? 10  DG  A OP2   1 
ATOM   184 O  "O5'" . DG  A 1 10 ? -5.285  16.188  -1.326  1.00 1.00  ? 10  DG  A "O5'" 1 
ATOM   185 C  "C5'" . DG  A 1 10 ? -6.635  16.387  -0.824  1.00 2.91  ? 10  DG  A "C5'" 1 
ATOM   186 C  "C4'" . DG  A 1 10 ? -6.761  16.179  0.695   1.00 6.83  ? 10  DG  A "C4'" 1 
ATOM   187 O  "O4'" . DG  A 1 10 ? -5.966  15.095  1.105   1.00 2.85  ? 10  DG  A "O4'" 1 
ATOM   188 C  "C3'" . DG  A 1 10 ? -6.508  17.258  1.766   1.00 8.71  ? 10  DG  A "C3'" 1 
ATOM   189 O  "O3'" . DG  A 1 10 ? -7.309  17.217  2.947   1.00 9.52  ? 10  DG  A "O3'" 1 
ATOM   190 C  "C2'" . DG  A 1 10 ? -5.100  16.928  2.296   1.00 4.80  ? 10  DG  A "C2'" 1 
ATOM   191 C  "C1'" . DG  A 1 10 ? -5.136  15.401  2.222   1.00 3.92  ? 10  DG  A "C1'" 1 
ATOM   192 N  N9    . DG  A 1 10 ? -3.854  14.734  1.981   1.00 2.04  ? 10  DG  A N9    1 
ATOM   193 C  C8    . DG  A 1 10 ? -3.180  14.578  0.734   1.00 3.06  ? 10  DG  A C8    1 
ATOM   194 N  N7    . DG  A 1 10 ? -2.056  13.893  0.835   1.00 3.27  ? 10  DG  A N7    1 
ATOM   195 C  C5    . DG  A 1 10 ? -1.982  13.581  2.180   1.00 1.26  ? 10  DG  A C5    1 
ATOM   196 C  C6    . DG  A 1 10 ? -0.999  12.848  2.921   1.00 1.00  ? 10  DG  A C6    1 
ATOM   197 O  O6    . DG  A 1 10 ? -0.068  12.250  2.519   1.00 1.00  ? 10  DG  A O6    1 
ATOM   198 N  N1    . DG  A 1 10 ? -1.314  12.795  4.310   1.00 2.56  ? 10  DG  A N1    1 
ATOM   199 C  C2    . DG  A 1 10 ? -2.478  13.286  4.892   1.00 1.90  ? 10  DG  A C2    1 
ATOM   200 N  N2    . DG  A 1 10 ? -2.697  13.020  6.218   1.00 1.00  ? 10  DG  A N2    1 
ATOM   201 N  N3    . DG  A 1 10 ? -3.389  13.972  4.220   1.00 1.58  ? 10  DG  A N3    1 
ATOM   202 C  C4    . DG  A 1 10 ? -3.092  14.090  2.898   1.00 2.84  ? 10  DG  A C4    1 
ATOM   203 O  "O5'" . DC  B 1 1  ? 4.725   10.091  10.473  1.00 15.61 ? 11  DC  B "O5'" 1 
ATOM   204 C  "C5'" . DC  B 1 1  ? 4.235   9.813   11.844  1.00 17.89 ? 11  DC  B "C5'" 1 
ATOM   205 C  "C4'" . DC  B 1 1  ? 2.857   9.222   12.069  1.00 17.48 ? 11  DC  B "C4'" 1 
ATOM   206 O  "O4'" . DC  B 1 1  ? 1.905   10.223  11.682  1.00 18.83 ? 11  DC  B "O4'" 1 
ATOM   207 C  "C3'" . DC  B 1 1  ? 2.539   8.019   11.193  1.00 18.80 ? 11  DC  B "C3'" 1 
ATOM   208 O  "O3'" . DC  B 1 1  ? 1.387   7.315   11.657  1.00 15.76 ? 11  DC  B "O3'" 1 
ATOM   209 C  "C2'" . DC  B 1 1  ? 2.084   8.696   9.924   1.00 19.35 ? 11  DC  B "C2'" 1 
ATOM   210 C  "C1'" . DC  B 1 1  ? 1.183   9.721   10.585  1.00 17.57 ? 11  DC  B "C1'" 1 
ATOM   211 N  N1    . DC  B 1 1  ? 0.838   10.806  9.722   1.00 17.90 ? 11  DC  B N1    1 
ATOM   212 C  C2    . DC  B 1 1  ? -0.441  11.139  9.665   1.00 19.22 ? 11  DC  B C2    1 
ATOM   213 O  O2    . DC  B 1 1  ? -1.226  10.527  10.434  1.00 19.15 ? 11  DC  B O2    1 
ATOM   214 N  N3    . DC  B 1 1  ? -0.835  12.089  8.771   1.00 19.61 ? 11  DC  B N3    1 
ATOM   215 C  C4    . DC  B 1 1  ? 0.059   12.634  7.983   1.00 18.72 ? 11  DC  B C4    1 
ATOM   216 N  N4    . DC  B 1 1  ? -0.345  13.514  7.069   1.00 20.22 ? 11  DC  B N4    1 
ATOM   217 C  C5    . DC  B 1 1  ? 1.421   12.308  8.078   1.00 18.20 ? 11  DC  B C5    1 
ATOM   218 C  C6    . DC  B 1 1  ? 1.758   11.422  8.950   1.00 17.89 ? 11  DC  B C6    1 
ATOM   219 P  P     . DC  B 1 2  ? 0.886   6.080   10.824  1.00 17.96 ? 12  DC  B P     1 
ATOM   220 O  OP1   . DC  B 1 2  ? 0.469   4.960   11.728  1.00 18.17 ? 12  DC  B OP1   1 
ATOM   221 O  OP2   . DC  B 1 2  ? 2.013   5.854   9.838   1.00 17.96 ? 12  DC  B OP2   1 
ATOM   222 O  "O5'" . DC  B 1 2  ? -0.278  6.662   9.910   1.00 16.34 ? 12  DC  B "O5'" 1 
ATOM   223 C  "C5'" . DC  B 1 2  ? -1.131  7.660   10.370  1.00 12.82 ? 12  DC  B "C5'" 1 
ATOM   224 C  "C4'" . DC  B 1 2  ? -2.154  7.927   9.296   1.00 9.18  ? 12  DC  B "C4'" 1 
ATOM   225 O  "O4'" . DC  B 1 2  ? -1.480  8.768   8.301   1.00 6.50  ? 12  DC  B "O4'" 1 
ATOM   226 C  "C3'" . DC  B 1 2  ? -2.469  6.596   8.587   1.00 9.29  ? 12  DC  B "C3'" 1 
ATOM   227 O  "O3'" . DC  B 1 2  ? -3.713  5.917   8.771   1.00 7.32  ? 12  DC  B "O3'" 1 
ATOM   228 C  "C2'" . DC  B 1 2  ? -2.232  6.898   7.132   1.00 9.54  ? 12  DC  B "C2'" 1 
ATOM   229 C  "C1'" . DC  B 1 2  ? -2.077  8.404   7.095   1.00 7.40  ? 12  DC  B "C1'" 1 
ATOM   230 N  N1    . DC  B 1 2  ? -1.252  8.765   5.933   1.00 6.66  ? 12  DC  B N1    1 
ATOM   231 C  C2    . DC  B 1 2  ? -1.942  9.289   4.836   1.00 5.74  ? 12  DC  B C2    1 
ATOM   232 O  O2    . DC  B 1 2  ? -3.091  9.710   5.021   1.00 4.24  ? 12  DC  B O2    1 
ATOM   233 N  N3    . DC  B 1 2  ? -1.323  9.353   3.609   1.00 5.46  ? 12  DC  B N3    1 
ATOM   234 C  C4    . DC  B 1 2  ? -0.040  8.990   3.495   1.00 6.42  ? 12  DC  B C4    1 
ATOM   235 N  N4    . DC  B 1 2  ? 0.530   9.019   2.253   1.00 6.29  ? 12  DC  B N4    1 
ATOM   236 C  C5    . DC  B 1 2  ? 0.742   8.588   4.643   1.00 6.96  ? 12  DC  B C5    1 
ATOM   237 C  C6    . DC  B 1 2  ? 0.096   8.504   5.851   1.00 6.20  ? 12  DC  B C6    1 
ATOM   238 P  P     . DT  B 1 3  ? -3.975  4.486   7.979   1.00 9.24  ? 13  DT  B P     1 
ATOM   239 O  OP1   . DT  B 1 3  ? -4.773  3.589   8.907   1.00 9.98  ? 13  DT  B OP1   1 
ATOM   240 O  OP2   . DT  B 1 3  ? -2.836  3.934   7.184   1.00 6.88  ? 13  DT  B OP2   1 
ATOM   241 O  "O5'" . DT  B 1 3  ? -4.800  5.093   6.753   1.00 7.21  ? 13  DT  B "O5'" 1 
ATOM   242 C  "C5'" . DT  B 1 3  ? -5.935  5.884   7.062   1.00 8.21  ? 13  DT  B "C5'" 1 
ATOM   243 C  "C4'" . DT  B 1 3  ? -6.760  6.165   5.823   1.00 6.42  ? 13  DT  B "C4'" 1 
ATOM   244 O  "O4'" . DT  B 1 3  ? -6.197  7.266   5.110   1.00 5.27  ? 13  DT  B "O4'" 1 
ATOM   245 C  "C3'" . DT  B 1 3  ? -6.927  5.020   4.833   1.00 3.65  ? 13  DT  B "C3'" 1 
ATOM   246 O  "O3'" . DT  B 1 3  ? -8.086  4.131   5.054   1.00 7.84  ? 13  DT  B "O3'" 1 
ATOM   247 C  "C2'" . DT  B 1 3  ? -7.077  5.712   3.490   1.00 6.55  ? 13  DT  B "C2'" 1 
ATOM   248 C  "C1'" . DT  B 1 3  ? -6.437  7.096   3.657   1.00 2.46  ? 13  DT  B "C1'" 1 
ATOM   249 N  N1    . DT  B 1 3  ? -5.123  6.911   3.004   1.00 2.27  ? 13  DT  B N1    1 
ATOM   250 C  C2    . DT  B 1 3  ? -4.946  7.244   1.709   1.00 2.17  ? 13  DT  B C2    1 
ATOM   251 O  O2    . DT  B 1 3  ? -5.773  7.816   1.051   1.00 1.00  ? 13  DT  B O2    1 
ATOM   252 N  N3    . DT  B 1 3  ? -3.705  6.892   1.214   1.00 1.33  ? 13  DT  B N3    1 
ATOM   253 C  C4    . DT  B 1 3  ? -2.635  6.364   1.870   1.00 1.00  ? 13  DT  B C4    1 
ATOM   254 O  O4    . DT  B 1 3  ? -1.515  6.240   1.249   1.00 2.53  ? 13  DT  B O4    1 
ATOM   255 C  C5    . DT  B 1 3  ? -2.883  6.052   3.231   1.00 1.00  ? 13  DT  B C5    1 
ATOM   256 C  C7    . DT  B 1 3  ? -1.805  5.436   4.037   1.00 1.60  ? 13  DT  B C7    1 
ATOM   257 C  C6    . DT  B 1 3  ? -4.102  6.336   3.730   1.00 2.15  ? 13  DT  B C6    1 
ATOM   258 P  P     . DC  B 1 4  ? -7.933  2.634   4.567   1.00 4.73  ? 14  DC  B P     1 
ATOM   259 O  OP1   . DC  B 1 4  ? -9.042  1.663   5.053   1.00 7.59  ? 14  DC  B OP1   1 
ATOM   260 O  OP2   . DC  B 1 4  ? -6.483  2.222   4.757   1.00 9.50  ? 14  DC  B OP2   1 
ATOM   261 O  "O5'" . DC  B 1 4  ? -8.189  2.819   2.972   1.00 3.74  ? 14  DC  B "O5'" 1 
ATOM   262 C  "C5'" . DC  B 1 4  ? -9.232  3.634   2.461   1.00 2.68  ? 14  DC  B "C5'" 1 
ATOM   263 C  "C4'" . DC  B 1 4  ? -9.070  3.783   0.942   1.00 1.00  ? 14  DC  B "C4'" 1 
ATOM   264 O  "O4'" . DC  B 1 4  ? -7.951  4.674   0.602   1.00 2.13  ? 14  DC  B "O4'" 1 
ATOM   265 C  "C3'" . DC  B 1 4  ? -8.785  2.489   0.150   1.00 1.28  ? 14  DC  B "C3'" 1 
ATOM   266 O  "O3'" . DC  B 1 4  ? -9.955  1.890   -0.403  1.00 1.00  ? 14  DC  B "O3'" 1 
ATOM   267 C  "C2'" . DC  B 1 4  ? -7.797  2.907   -0.928  1.00 1.54  ? 14  DC  B "C2'" 1 
ATOM   268 C  "C1'" . DC  B 1 4  ? -7.370  4.302   -0.646  1.00 1.06  ? 14  DC  B "C1'" 1 
ATOM   269 N  N1    . DC  B 1 4  ? -5.885  4.214   -0.446  1.00 1.00  ? 14  DC  B N1    1 
ATOM   270 C  C2    . DC  B 1 4  ? -5.076  4.434   -1.566  1.00 1.00  ? 14  DC  B C2    1 
ATOM   271 O  O2    . DC  B 1 4  ? -5.629  4.752   -2.639  1.00 1.00  ? 14  DC  B O2    1 
ATOM   272 N  N3    . DC  B 1 4  ? -3.712  4.258   -1.483  1.00 1.28  ? 14  DC  B N3    1 
ATOM   273 C  C4    . DC  B 1 4  ? -3.181  3.820   -0.360  1.00 1.33  ? 14  DC  B C4    1 
ATOM   274 N  N4    . DC  B 1 4  ? -1.889  3.432   -0.405  1.00 1.33  ? 14  DC  B N4    1 
ATOM   275 C  C5    . DC  B 1 4  ? -3.966  3.671   0.830   1.00 1.00  ? 14  DC  B C5    1 
ATOM   276 C  C6    . DC  B 1 4  ? -5.321  3.869   0.740   1.00 1.97  ? 14  DC  B C6    1 
ATOM   277 P  P     . DC  B 1 5  ? -9.901  0.361   -0.899  1.00 1.38  ? 15  DC  B P     1 
ATOM   278 O  OP1   . DC  B 1 5  ? -11.365 -0.027  -0.760  1.00 3.21  ? 15  DC  B OP1   1 
ATOM   279 O  OP2   . DC  B 1 5  ? -8.931  -0.425  -0.026  1.00 1.09  ? 15  DC  B OP2   1 
ATOM   280 O  "O5'" . DC  B 1 5  ? -9.406  0.551   -2.392  1.00 2.24  ? 15  DC  B "O5'" 1 
ATOM   281 C  "C5'" . DC  B 1 5  ? -10.119 1.346   -3.317  1.00 1.00  ? 15  DC  B "C5'" 1 
ATOM   282 C  "C4'" . DC  B 1 5  ? -9.641  1.072   -4.717  1.00 3.98  ? 15  DC  B "C4'" 1 
ATOM   283 O  "O4'" . DC  B 1 5  ? -8.539  1.966   -5.010  1.00 1.00  ? 15  DC  B "O4'" 1 
ATOM   284 C  "C3'" . DC  B 1 5  ? -9.096  -0.327  -4.874  1.00 1.79  ? 15  DC  B "C3'" 1 
ATOM   285 O  "O3'" . DC  B 1 5  ? -10.049 -1.215  -5.442  1.00 3.69  ? 15  DC  B "O3'" 1 
ATOM   286 C  "C2'" . DC  B 1 5  ? -7.937  -0.130  -5.808  1.00 1.86  ? 15  DC  B "C2'" 1 
ATOM   287 C  "C1'" . DC  B 1 5  ? -7.490  1.266   -5.681  1.00 2.46  ? 15  DC  B "C1'" 1 
ATOM   288 N  N1    . DC  B 1 5  ? -6.245  1.178   -4.851  1.00 1.00  ? 15  DC  B N1    1 
ATOM   289 C  C2    . DC  B 1 5  ? -5.022  1.023   -5.579  1.00 1.38  ? 15  DC  B C2    1 
ATOM   290 O  O2    . DC  B 1 5  ? -5.111  0.965   -6.801  1.00 1.00  ? 15  DC  B O2    1 
ATOM   291 N  N3    . DC  B 1 5  ? -3.822  0.911   -4.917  1.00 1.00  ? 15  DC  B N3    1 
ATOM   292 C  C4    . DC  B 1 5  ? -3.838  0.881   -3.563  1.00 1.29  ? 15  DC  B C4    1 
ATOM   293 N  N4    . DC  B 1 5  ? -2.674  0.784   -2.879  1.00 1.00  ? 15  DC  B N4    1 
ATOM   294 C  C5    . DC  B 1 5  ? -5.103  0.989   -2.802  1.00 1.00  ? 15  DC  B C5    1 
ATOM   295 C  C6    . DC  B 1 5  ? -6.238  1.166   -3.486  1.00 1.00  ? 15  DC  B C6    1 
ATOM   296 P  P     . DG  B 1 6  ? -9.995  -2.839  -5.109  1.00 3.88  ? 16  DG  B P     1 
ATOM   297 O  OP1   . DG  B 1 6  ? -11.383 -3.292  -5.532  1.00 3.19  ? 16  DG  B OP1   1 
ATOM   298 O  OP2   . DG  B 1 6  ? -9.610  -2.989  -3.658  1.00 6.03  ? 16  DG  B OP2   1 
ATOM   299 O  "O5'" . DG  B 1 6  ? -8.805  -3.478  -5.916  1.00 5.04  ? 16  DG  B "O5'" 1 
ATOM   300 C  "C5'" . DG  B 1 6  ? -8.551  -3.421  -7.300  1.00 6.60  ? 16  DG  B "C5'" 1 
ATOM   301 C  "C4'" . DG  B 1 6  ? -7.151  -3.972  -7.552  1.00 4.47  ? 16  DG  B "C4'" 1 
ATOM   302 O  "O4'" . DG  B 1 6  ? -6.301  -2.896  -7.096  1.00 5.27  ? 16  DG  B "O4'" 1 
ATOM   303 C  "C3'" . DG  B 1 6  ? -6.614  -5.194  -6.754  1.00 4.91  ? 16  DG  B "C3'" 1 
ATOM   304 O  "O3'" . DG  B 1 6  ? -6.248  -6.432  -7.429  1.00 3.14  ? 16  DG  B "O3'" 1 
ATOM   305 C  "C2'" . DG  B 1 6  ? -5.228  -4.752  -6.349  1.00 5.12  ? 16  DG  B "C2'" 1 
ATOM   306 C  "C1'" . DG  B 1 6  ? -4.976  -3.431  -7.041  1.00 4.39  ? 16  DG  B "C1'" 1 
ATOM   307 N  N9    . DG  B 1 6  ? -4.215  -2.758  -5.990  1.00 3.52  ? 16  DG  B N9    1 
ATOM   308 C  C8    . DG  B 1 6  ? -4.736  -2.361  -4.770  1.00 1.00  ? 16  DG  B C8    1 
ATOM   309 N  N7    . DG  B 1 6  ? -3.802  -2.147  -3.878  1.00 3.94  ? 16  DG  B N7    1 
ATOM   310 C  C5    . DG  B 1 6  ? -2.620  -2.348  -4.523  1.00 2.77  ? 16  DG  B C5    1 
ATOM   311 C  C6    . DG  B 1 6  ? -1.276  -2.315  -4.013  1.00 2.35  ? 16  DG  B C6    1 
ATOM   312 O  O6    . DG  B 1 6  ? -0.919  -2.126  -2.831  1.00 1.00  ? 16  DG  B O6    1 
ATOM   313 N  N1    . DG  B 1 6  ? -0.359  -2.520  -5.054  1.00 1.00  ? 16  DG  B N1    1 
ATOM   314 C  C2    . DG  B 1 6  ? -0.683  -2.779  -6.383  1.00 2.84  ? 16  DG  B C2    1 
ATOM   315 N  N2    . DG  B 1 6  ? 0.326   -3.107  -7.172  1.00 1.00  ? 16  DG  B N2    1 
ATOM   316 N  N3    . DG  B 1 6  ? -1.924  -2.764  -6.879  1.00 3.05  ? 16  DG  B N3    1 
ATOM   317 C  C4    . DG  B 1 6  ? -2.839  -2.574  -5.895  1.00 2.70  ? 16  DG  B C4    1 
ATOM   318 P  P     . DG  B 1 7  ? -5.707  -7.701  -6.569  1.00 3.73  ? 17  DG  B P     1 
ATOM   319 O  OP1   . DG  B 1 7  ? -6.130  -8.969  -7.258  1.00 5.40  ? 17  DG  B OP1   1 
ATOM   320 O  OP2   . DG  B 1 7  ? -5.989  -7.489  -5.168  1.00 2.71  ? 17  DG  B OP2   1 
ATOM   321 O  "O5'" . DG  B 1 7  ? -4.122  -7.661  -6.720  1.00 3.23  ? 17  DG  B "O5'" 1 
ATOM   322 C  "C5'" . DG  B 1 7  ? -3.574  -7.562  -8.005  1.00 2.46  ? 17  DG  B "C5'" 1 
ATOM   323 C  "C4'" . DG  B 1 7  ? -2.071  -7.623  -7.970  1.00 3.84  ? 17  DG  B "C4'" 1 
ATOM   324 O  "O4'" . DG  B 1 7  ? -1.585  -6.310  -7.581  1.00 4.01  ? 17  DG  B "O4'" 1 
ATOM   325 C  "C3'" . DG  B 1 7  ? -1.472  -8.636  -6.984  1.00 3.96  ? 17  DG  B "C3'" 1 
ATOM   326 O  "O3'" . DG  B 1 7  ? -1.438  -9.959  -7.530  1.00 2.95  ? 17  DG  B "O3'" 1 
ATOM   327 C  "C2'" . DG  B 1 7  ? -0.158  -7.999  -6.615  1.00 1.60  ? 17  DG  B "C2'" 1 
ATOM   328 C  "C1'" . DG  B 1 7  ? -0.391  -6.448  -6.826  1.00 3.03  ? 17  DG  B "C1'" 1 
ATOM   329 N  N9    . DG  B 1 7  ? -0.621  -5.919  -5.470  1.00 1.00  ? 17  DG  B N9    1 
ATOM   330 C  C8    . DG  B 1 7  ? -1.773  -5.739  -4.759  1.00 1.00  ? 17  DG  B C8    1 
ATOM   331 N  N7    . DG  B 1 7  ? -1.559  -5.421  -3.486  1.00 4.00  ? 17  DG  B N7    1 
ATOM   332 C  C5    . DG  B 1 7  ? -0.197  -5.325  -3.370  1.00 1.97  ? 17  DG  B C5    1 
ATOM   333 C  C6    . DG  B 1 7  ? 0.648   -5.016  -2.256  1.00 2.66  ? 17  DG  B C6    1 
ATOM   334 O  O6    . DG  B 1 7  ? 0.316   -4.711  -1.093  1.00 1.39  ? 17  DG  B O6    1 
ATOM   335 N  N1    . DG  B 1 7  ? 1.999   -5.062  -2.621  1.00 1.00  ? 17  DG  B N1    1 
ATOM   336 C  C2    . DG  B 1 7  ? 2.480   -5.402  -3.893  1.00 1.00  ? 17  DG  B C2    1 
ATOM   337 N  N2    . DG  B 1 7  ? 3.822   -5.377  -4.099  1.00 1.73  ? 17  DG  B N2    1 
ATOM   338 N  N3    . DG  B 1 7  ? 1.699   -5.727  -4.889  1.00 1.00  ? 17  DG  B N3    1 
ATOM   339 C  C4    . DG  B 1 7  ? 0.413   -5.648  -4.598  1.00 1.96  ? 17  DG  B C4    1 
ATOM   340 P  P     . DA  B 1 8  ? -1.154  -11.223 -6.555  1.00 7.14  ? 18  DA  B P     1 
ATOM   341 O  OP1   . DA  B 1 8  ? -1.289  -12.538 -7.276  1.00 2.41  ? 18  DA  B OP1   1 
ATOM   342 O  OP2   . DA  B 1 8  ? -1.908  -10.963 -5.364  1.00 5.13  ? 18  DA  B OP2   1 
ATOM   343 O  "O5'" . DA  B 1 8  ? 0.324   -11.054 -6.028  1.00 1.00  ? 18  DA  B "O5'" 1 
ATOM   344 C  "C5'" . DA  B 1 8  ? 1.382   -11.120 -6.968  1.00 3.69  ? 18  DA  B "C5'" 1 
ATOM   345 C  "C4'" . DA  B 1 8  ? 2.715   -11.005 -6.282  1.00 1.68  ? 18  DA  B "C4'" 1 
ATOM   346 O  "O4'" . DA  B 1 8  ? 2.806   -9.683  -5.735  1.00 3.11  ? 18  DA  B "O4'" 1 
ATOM   347 C  "C3'" . DA  B 1 8  ? 2.853   -11.928 -5.067  1.00 1.00  ? 18  DA  B "C3'" 1 
ATOM   348 O  "O3'" . DA  B 1 8  ? 3.492   -13.178 -5.325  1.00 2.32  ? 18  DA  B "O3'" 1 
ATOM   349 C  "C2'" . DA  B 1 8  ? 3.756   -11.157 -4.152  1.00 2.22  ? 18  DA  B "C2'" 1 
ATOM   350 C  "C1'" . DA  B 1 8  ? 3.653   -9.703  -4.617  1.00 1.71  ? 18  DA  B "C1'" 1 
ATOM   351 N  N9    . DA  B 1 8  ? 2.917   -9.023  -3.574  1.00 1.49  ? 18  DA  B N9    1 
ATOM   352 C  C8    . DA  B 1 8  ? 1.556   -8.964  -3.460  1.00 2.10  ? 18  DA  B C8    1 
ATOM   353 N  N7    . DA  B 1 8  ? 1.160   -8.438  -2.368  1.00 1.82  ? 18  DA  B N7    1 
ATOM   354 C  C5    . DA  B 1 8  ? 2.357   -8.084  -1.716  1.00 2.36  ? 18  DA  B C5    1 
ATOM   355 C  C6    . DA  B 1 8  ? 2.598   -7.507  -0.522  1.00 1.23  ? 18  DA  B C6    1 
ATOM   356 N  N6    . DA  B 1 8  ? 1.642   -7.281  0.323   1.00 2.46  ? 18  DA  B N6    1 
ATOM   357 N  N1    . DA  B 1 8  ? 3.872   -7.186  -0.185  1.00 1.00  ? 18  DA  B N1    1 
ATOM   358 C  C2    . DA  B 1 8  ? 4.842   -7.549  -1.010  1.00 2.74  ? 18  DA  B C2    1 
ATOM   359 N  N3    . DA  B 1 8  ? 4.721   -8.152  -2.209  1.00 1.09  ? 18  DA  B N3    1 
ATOM   360 C  C4    . DA  B 1 8  ? 3.429   -8.391  -2.479  1.00 1.00  ? 18  DA  B C4    1 
ATOM   361 P  P     . DG  B 1 9  ? 3.239   -14.408 -4.303  1.00 5.49  ? 19  DG  B P     1 
ATOM   362 O  OP1   . DG  B 1 9  ? 3.621   -15.639 -4.994  1.00 3.41  ? 19  DG  B OP1   1 
ATOM   363 O  OP2   . DG  B 1 9  ? 1.937   -14.336 -3.622  1.00 2.97  ? 19  DG  B OP2   1 
ATOM   364 O  "O5'" . DG  B 1 9  ? 4.239   -14.046 -3.070  1.00 3.99  ? 19  DG  B "O5'" 1 
ATOM   365 C  "C5'" . DG  B 1 9  ? 5.506   -13.511 -3.089  1.00 6.41  ? 19  DG  B "C5'" 1 
ATOM   366 C  "C4'" . DG  B 1 9  ? 5.901   -13.100 -1.665  1.00 5.74  ? 19  DG  B "C4'" 1 
ATOM   367 O  "O4'" . DG  B 1 9  ? 5.176   -11.862 -1.424  1.00 5.02  ? 19  DG  B "O4'" 1 
ATOM   368 C  "C3'" . DG  B 1 9  ? 5.573   -13.962 -0.413  1.00 7.10  ? 19  DG  B "C3'" 1 
ATOM   369 O  "O3'" . DG  B 1 9  ? 6.559   -14.446 0.521   1.00 1.00  ? 19  DG  B "O3'" 1 
ATOM   370 C  "C2'" . DG  B 1 9  ? 4.964   -12.955 0.529   1.00 5.42  ? 19  DG  B "C2'" 1 
ATOM   371 C  "C1'" . DG  B 1 9  ? 5.295   -11.621 -0.060  1.00 5.76  ? 19  DG  B "C1'" 1 
ATOM   372 N  N9    . DG  B 1 9  ? 4.142   -10.902 0.415   1.00 3.02  ? 19  DG  B N9    1 
ATOM   373 C  C8    . DG  B 1 9  ? 2.835   -11.098 0.042   1.00 2.25  ? 19  DG  B C8    1 
ATOM   374 N  N7    . DG  B 1 9  ? 1.978   -10.519 0.844   1.00 1.34  ? 19  DG  B N7    1 
ATOM   375 C  C5    . DG  B 1 9  ? 2.760   -9.935  1.830   1.00 1.95  ? 19  DG  B C5    1 
ATOM   376 C  C6    . DG  B 1 9  ? 2.372   -9.276  3.012   1.00 2.35  ? 19  DG  B C6    1 
ATOM   377 O  O6    . DG  B 1 9  ? 1.253   -9.174  3.466   1.00 1.00  ? 19  DG  B O6    1 
ATOM   378 N  N1    . DG  B 1 9  ? 3.493   -8.748  3.711   1.00 2.13  ? 19  DG  B N1    1 
ATOM   379 C  C2    . DG  B 1 9  ? 4.815   -8.886  3.335   1.00 1.00  ? 19  DG  B C2    1 
ATOM   380 N  N2    . DG  B 1 9  ? 5.745   -8.320  4.181   1.00 1.00  ? 19  DG  B N2    1 
ATOM   381 N  N3    . DG  B 1 9  ? 5.188   -9.560  2.217   1.00 2.73  ? 19  DG  B N3    1 
ATOM   382 C  C4    . DG  B 1 9  ? 4.109   -10.051 1.531   1.00 1.92  ? 19  DG  B C4    1 
ATOM   383 P  P     . DG  B 1 10 ? 6.163   -15.696 1.452   1.00 1.00  ? 20  DG  B P     1 
ATOM   384 O  OP1   . DG  B 1 10 ? 7.245   -16.649 1.586   1.00 2.49  ? 20  DG  B OP1   1 
ATOM   385 O  OP2   . DG  B 1 10 ? 4.843   -16.141 0.981   1.00 1.00  ? 20  DG  B OP2   1 
ATOM   386 O  "O5'" . DG  B 1 10 ? 5.860   -14.971 2.865   1.00 1.00  ? 20  DG  B "O5'" 1 
ATOM   387 C  "C5'" . DG  B 1 10 ? 6.758   -14.867 3.886   1.00 1.00  ? 20  DG  B "C5'" 1 
ATOM   388 C  "C4'" . DG  B 1 10 ? 7.525   -13.555 3.775   1.00 2.28  ? 20  DG  B "C4'" 1 
ATOM   389 O  "O4'" . DG  B 1 10 ? 6.591   -12.504 3.523   1.00 1.45  ? 20  DG  B "O4'" 1 
ATOM   390 C  "C3'" . DG  B 1 10 ? 8.256   -13.144 5.033   1.00 2.03  ? 20  DG  B "C3'" 1 
ATOM   391 O  "O3'" . DG  B 1 10 ? 9.171   -12.138 4.596   1.00 1.00  ? 20  DG  B "O3'" 1 
ATOM   392 C  "C2'" . DG  B 1 10 ? 7.132   -12.485 5.817   1.00 3.07  ? 20  DG  B "C2'" 1 
ATOM   393 C  "C1'" . DG  B 1 10 ? 6.278   -11.838 4.729   1.00 1.43  ? 20  DG  B "C1'" 1 
ATOM   394 N  N9    . DG  B 1 10 ? 4.828   -11.948 4.921   1.00 1.00  ? 20  DG  B N9    1 
ATOM   395 C  C8    . DG  B 1 10 ? 3.931   -12.539 4.105   1.00 2.73  ? 20  DG  B C8    1 
ATOM   396 N  N7    . DG  B 1 10 ? 2.677   -12.387 4.496   1.00 1.89  ? 20  DG  B N7    1 
ATOM   397 C  C5    . DG  B 1 10 ? 2.763   -11.657 5.655   1.00 1.00  ? 20  DG  B C5    1 
ATOM   398 C  C6    . DG  B 1 10 ? 1.755   -11.160 6.505   1.00 1.12  ? 20  DG  B C6    1 
ATOM   399 O  O6    . DG  B 1 10 ? 0.479   -11.360 6.465   1.00 1.00  ? 20  DG  B O6    1 
ATOM   400 N  N1    . DG  B 1 10 ? 2.301   -10.381 7.519   1.00 1.00  ? 20  DG  B N1    1 
ATOM   401 C  C2    . DG  B 1 10 ? 3.633   -10.160 7.728   1.00 1.72  ? 20  DG  B C2    1 
ATOM   402 N  N2    . DG  B 1 10 ? 3.953   -9.364  8.814   1.00 1.00  ? 20  DG  B N2    1 
ATOM   403 N  N3    . DG  B 1 10 ? 4.586   -10.654 6.961   1.00 1.00  ? 20  DG  B N3    1 
ATOM   404 C  C4    . DG  B 1 10 ? 4.087   -11.375 5.951   1.00 1.22  ? 20  DG  B C4    1 
HETATM 405 NA NA    . NA  C 2 .  ? 0.305   13.992  -3.251  1.00 3.01  ? 21  NA  A NA    1 
HETATM 406 NA NA    . NA  D 2 .  ? 10.624  -19.246 2.536   1.00 1.00  ? 23  NA  B NA    1 
HETATM 407 NA NA    . NA  E 2 .  ? -1.277  -12.919 2.392   1.00 4.17  ? 24  NA  B NA    1 
HETATM 408 CA CA    . CA  F 3 .  ? -3.864  -4.082  0.225   1.00 9.69  ? 22  CA  B CA    1 
HETATM 409 O  O     . HOH G 4 .  ? 1.931   4.158   -2.406  1.00 1.00  ? 25  HOH A O     1 
HETATM 410 O  O     . HOH G 4 .  ? -0.207  -2.054  -9.843  1.00 3.24  ? 28  HOH A O     1 
HETATM 411 O  O     . HOH G 4 .  ? -0.835  14.970  -1.596  1.00 8.96  ? 34  HOH A O     1 
HETATM 412 O  O     . HOH G 4 .  ? 3.964   15.598  -4.389  1.00 9.86  ? 37  HOH A O     1 
HETATM 413 O  O     . HOH G 4 .  ? 6.104   1.223   -2.684  1.00 15.81 ? 42  HOH A O     1 
HETATM 414 O  O     . HOH G 4 .  ? -5.801  19.044  1.083   1.00 3.39  ? 44  HOH A O     1 
HETATM 415 O  O     . HOH G 4 .  ? 0.618   -1.583  8.130   1.00 21.10 ? 45  HOH A O     1 
HETATM 416 O  O     . HOH G 4 .  ? 2.973   2.362   -3.758  1.00 10.94 ? 48  HOH A O     1 
HETATM 417 O  O     . HOH G 4 .  ? -9.352  12.908  -0.954  1.00 2.39  ? 49  HOH A O     1 
HETATM 418 O  O     . HOH G 4 .  ? -0.591  -4.167  6.543   1.00 23.85 ? 50  HOH A O     1 
HETATM 419 O  O     . HOH G 4 .  ? 0.262   -3.257  16.120  1.00 10.79 ? 51  HOH A O     1 
HETATM 420 O  O     . HOH G 4 .  ? 3.456   10.295  -1.302  1.00 18.89 ? 52  HOH A O     1 
HETATM 421 O  O     . HOH G 4 .  ? 2.833   4.849   -4.564  1.00 10.51 ? 57  HOH A O     1 
HETATM 422 O  O     . HOH G 4 .  ? 1.921   5.392   -14.376 1.00 19.26 ? 58  HOH A O     1 
HETATM 423 O  O     . HOH G 4 .  ? 9.698   1.214   3.533   1.00 7.30  ? 59  HOH A O     1 
HETATM 424 O  O     . HOH G 4 .  ? -4.356  -6.642  17.196  1.00 13.40 ? 60  HOH A O     1 
HETATM 425 O  O     . HOH G 4 .  ? -0.741  -5.477  3.122   1.00 11.10 ? 67  HOH A O     1 
HETATM 426 O  O     . HOH G 4 .  ? 1.314   7.536   -7.333  1.00 8.27  ? 69  HOH A O     1 
HETATM 427 O  O     . HOH G 4 .  ? -0.638  -1.835  13.775  1.00 13.54 ? 70  HOH A O     1 
HETATM 428 O  O     . HOH G 4 .  ? 3.546   7.442   -1.179  1.00 6.63  ? 75  HOH A O     1 
HETATM 429 O  O     . HOH G 4 .  ? 3.289   8.645   -14.295 1.00 11.39 ? 79  HOH A O     1 
HETATM 430 O  O     . HOH G 4 .  ? 4.700   -0.644  2.956   1.00 17.07 ? 80  HOH A O     1 
HETATM 431 O  O     . HOH G 4 .  ? -0.287  12.975  -4.976  1.00 12.59 ? 83  HOH A O     1 
HETATM 432 O  O     . HOH G 4 .  ? 8.315   -0.638  1.638   1.00 6.46  ? 84  HOH A O     1 
HETATM 433 O  O     . HOH G 4 .  ? 13.342  -2.404  0.829   1.00 8.67  ? 85  HOH A O     1 
HETATM 434 O  O     . HOH G 4 .  ? 8.416   3.563   -1.891  1.00 14.31 ? 87  HOH A O     1 
HETATM 435 O  O     . HOH G 4 .  ? -4.778  -9.542  7.355   1.00 11.14 ? 90  HOH A O     1 
HETATM 436 O  O     . HOH G 4 .  ? 3.630   8.741   -10.085 1.00 15.02 ? 111 HOH A O     1 
HETATM 437 O  O     . HOH G 4 .  ? 5.092   2.910   -3.675  1.00 16.80 ? 113 HOH A O     1 
HETATM 438 O  O     . HOH G 4 .  ? 0.365   10.056  -6.953  1.00 14.43 ? 114 HOH A O     1 
HETATM 439 O  O     . HOH G 4 .  ? 5.982   5.695   0.248   1.00 15.05 ? 115 HOH A O     1 
HETATM 440 O  O     . HOH G 4 .  ? 1.227   14.923  -5.976  1.00 13.93 ? 116 HOH A O     1 
HETATM 441 O  O     . HOH G 4 .  ? -6.927  -8.842  16.647  1.00 17.16 ? 120 HOH A O     1 
HETATM 442 O  O     . HOH G 4 .  ? -6.099  -11.526 8.822   1.00 10.86 ? 121 HOH A O     1 
HETATM 443 O  O     . HOH G 4 .  ? 3.349   8.502   -16.664 1.00 14.87 ? 124 HOH A O     1 
HETATM 444 O  O     . HOH G 4 .  ? -5.089  12.700  4.957   1.00 9.12  ? 125 HOH A O     1 
HETATM 445 O  O     . HOH G 4 .  ? 1.345   8.102   -1.221  1.00 23.40 ? 126 HOH A O     1 
HETATM 446 O  O     . HOH G 4 .  ? 4.032   10.503  -17.476 1.00 17.71 ? 128 HOH A O     1 
HETATM 447 O  O     . HOH G 4 .  ? 4.186   15.771  -2.094  1.00 19.83 ? 132 HOH A O     1 
HETATM 448 O  O     . HOH G 4 .  ? -1.569  -1.125  10.990  1.00 15.99 ? 133 HOH A O     1 
HETATM 449 O  O     . HOH G 4 .  ? -7.623  14.416  -1.234  1.00 15.28 ? 134 HOH A O     1 
HETATM 450 O  O     . HOH G 4 .  ? 10.340  1.738   -3.518  1.00 12.80 ? 137 HOH A O     1 
HETATM 451 O  O     . HOH G 4 .  ? 6.485   3.235   -10.063 1.00 11.38 ? 139 HOH A O     1 
HETATM 452 O  O     . HOH G 4 .  ? 0.579   2.692   -16.585 1.00 14.75 ? 143 HOH A O     1 
HETATM 453 O  O     . HOH G 4 .  ? 4.042   2.203   7.523   1.00 19.50 ? 145 HOH A O     1 
HETATM 454 O  O     . HOH G 4 .  ? -6.845  -6.964  19.294  1.00 19.42 ? 146 HOH A O     1 
HETATM 455 O  O     . HOH G 4 .  ? 8.346   4.588   -8.108  1.00 19.84 ? 147 HOH A O     1 
HETATM 456 O  O     . HOH G 4 .  ? -2.796  2.728   -8.390  1.00 19.99 ? 148 HOH A O     1 
HETATM 457 O  O     . HOH G 4 .  ? -5.874  16.222  -8.303  1.00 17.89 ? 149 HOH A O     1 
HETATM 458 O  O     . HOH G 4 .  ? 3.995   5.622   -18.438 1.00 12.66 ? 151 HOH A O     1 
HETATM 459 O  O     . HOH G 4 .  ? 8.186   0.201   3.112   1.00 1.00  ? 152 HOH A O     1 
HETATM 460 O  O     . HOH G 4 .  ? -6.776  10.910  -6.759  1.00 16.49 ? 153 HOH A O     1 
HETATM 461 O  O     . HOH G 4 .  ? 2.193   11.879  -9.189  1.00 18.61 ? 161 HOH A O     1 
HETATM 462 O  O     . HOH G 4 .  ? 5.127   2.483   9.553   1.00 13.01 ? 163 HOH A O     1 
HETATM 463 O  O     . HOH G 4 .  ? -5.954  -8.818  3.149   1.00 20.91 ? 164 HOH A O     1 
HETATM 464 O  O     . HOH G 4 .  ? -3.564  -3.200  15.751  1.00 16.34 ? 165 HOH A O     1 
HETATM 465 O  O     . HOH H 4 .  ? -1.124  1.952   4.428   1.00 11.86 ? 26  HOH B O     1 
HETATM 466 O  O     . HOH H 4 .  ? -4.774  -2.495  -1.055  1.00 4.72  ? 27  HOH B O     1 
HETATM 467 O  O     . HOH H 4 .  ? -5.905  10.574  6.386   1.00 5.39  ? 29  HOH B O     1 
HETATM 468 O  O     . HOH H 4 .  ? 5.724   -17.063 -9.247  1.00 13.05 ? 30  HOH B O     1 
HETATM 469 O  O     . HOH H 4 .  ? 5.939   -9.760  -2.530  1.00 16.60 ? 31  HOH B O     1 
HETATM 470 O  O     . HOH H 4 .  ? 9.528   8.759   5.568   1.00 21.53 ? 32  HOH B O     1 
HETATM 471 O  O     . HOH H 4 .  ? 3.387   -15.376 -7.644  1.00 3.08  ? 35  HOH B O     1 
HETATM 472 O  O     . HOH H 4 .  ? 0.373   -11.688 1.093   1.00 14.49 ? 36  HOH B O     1 
HETATM 473 O  O     . HOH H 4 .  ? -3.482  -5.418  -1.610  1.00 1.11  ? 38  HOH B O     1 
HETATM 474 O  O     . HOH H 4 .  ? -1.855  10.949  7.294   1.00 7.92  ? 39  HOH B O     1 
HETATM 475 O  O     . HOH H 4 .  ? -1.967  -2.681  -0.430  1.00 7.09  ? 40  HOH B O     1 
HETATM 476 O  O     . HOH H 4 .  ? 2.579   7.499   7.612   1.00 10.59 ? 41  HOH B O     1 
HETATM 477 O  O     . HOH H 4 .  ? -7.348  -12.890 -7.385  1.00 8.39  ? 43  HOH B O     1 
HETATM 478 O  O     . HOH H 4 .  ? -2.791  -1.278  3.599   1.00 9.50  ? 46  HOH B O     1 
HETATM 479 O  O     . HOH H 4 .  ? -4.258  -10.534 -8.024  1.00 8.62  ? 47  HOH B O     1 
HETATM 480 O  O     . HOH H 4 .  ? -9.967  4.495   -1.187  1.00 24.15 ? 53  HOH B O     1 
HETATM 481 O  O     . HOH H 4 .  ? -3.074  -5.847  -11.163 1.00 4.13  ? 54  HOH B O     1 
HETATM 482 O  O     . HOH H 4 .  ? -3.395  -3.591  2.603   1.00 13.35 ? 55  HOH B O     1 
HETATM 483 O  O     . HOH H 4 .  ? 3.189   11.141  6.187   1.00 8.80  ? 56  HOH B O     1 
HETATM 484 O  O     . HOH H 4 .  ? 2.074   2.372   11.407  1.00 16.41 ? 61  HOH B O     1 
HETATM 485 O  O     . HOH H 4 .  ? 4.726   10.999  2.957   1.00 8.62  ? 62  HOH B O     1 
HETATM 486 O  O     . HOH H 4 .  ? 0.483   11.605  5.890   1.00 4.87  ? 63  HOH B O     1 
HETATM 487 O  O     . HOH H 4 .  ? 3.894   0.686   12.243  1.00 18.96 ? 64  HOH B O     1 
HETATM 488 O  O     . HOH H 4 .  ? -6.362  -2.802  0.911   1.00 16.77 ? 65  HOH B O     1 
HETATM 489 O  O     . HOH H 4 .  ? -7.471  8.379   7.176   1.00 16.01 ? 66  HOH B O     1 
HETATM 490 O  O     . HOH H 4 .  ? 10.413  -21.586 0.684   1.00 12.10 ? 68  HOH B O     1 
HETATM 491 O  O     . HOH H 4 .  ? 0.540   -11.437 -9.353  1.00 14.19 ? 71  HOH B O     1 
HETATM 492 O  O     . HOH H 4 .  ? -9.128  4.338   8.668   1.00 8.06  ? 72  HOH B O     1 
HETATM 493 O  O     . HOH H 4 .  ? 9.488   -20.793 3.780   1.00 5.02  ? 73  HOH B O     1 
HETATM 494 O  O     . HOH H 4 .  ? -3.579  2.921   4.547   1.00 7.80  ? 74  HOH B O     1 
HETATM 495 O  O     . HOH H 4 .  ? 2.248   -16.435 -10.614 1.00 9.94  ? 76  HOH B O     1 
HETATM 496 O  O     . HOH H 4 .  ? 5.339   8.840   4.929   1.00 11.60 ? 77  HOH B O     1 
HETATM 497 O  O     . HOH H 4 .  ? -4.358  -13.558 4.000   1.00 10.63 ? 78  HOH B O     1 
HETATM 498 O  O     . HOH H 4 .  ? -7.426  -2.723  -1.642  1.00 11.03 ? 81  HOH B O     1 
HETATM 499 O  O     . HOH H 4 .  ? 1.110   -14.073 3.014   1.00 4.17  ? 82  HOH B O     1 
HETATM 500 O  O     . HOH H 4 .  ? 0.506   -12.370 -1.932  1.00 4.89  ? 86  HOH B O     1 
HETATM 501 O  O     . HOH H 4 .  ? -1.069  -16.308 -10.314 1.00 19.10 ? 88  HOH B O     1 
HETATM 502 O  O     . HOH H 4 .  ? -2.026  -3.369  -9.460  1.00 6.03  ? 89  HOH B O     1 
HETATM 503 O  O     . HOH H 4 .  ? -9.268  -5.956  0.107   1.00 17.03 ? 91  HOH B O     1 
HETATM 504 O  O     . HOH H 4 .  ? -9.565  1.986   9.876   1.00 9.50  ? 92  HOH B O     1 
HETATM 505 O  O     . HOH H 4 .  ? 0.414   -14.221 -11.509 1.00 20.21 ? 93  HOH B O     1 
HETATM 506 O  O     . HOH H 4 .  ? -6.245  -5.436  -3.179  1.00 5.12  ? 94  HOH B O     1 
HETATM 507 O  O     . HOH H 4 .  ? 4.135   5.499   10.927  1.00 6.08  ? 95  HOH B O     1 
HETATM 508 O  O     . HOH H 4 .  ? -2.482  -13.134 -2.319  1.00 14.08 ? 96  HOH B O     1 
HETATM 509 O  O     . HOH H 4 .  ? 0.254   -18.284 -9.012  1.00 11.74 ? 97  HOH B O     1 
HETATM 510 O  O     . HOH H 4 .  ? -9.264  -2.518  4.256   1.00 15.69 ? 98  HOH B O     1 
HETATM 511 O  O     . HOH H 4 .  ? -5.317  0.180   3.268   1.00 12.20 ? 99  HOH B O     1 
HETATM 512 O  O     . HOH H 4 .  ? 8.009   10.115  8.408   1.00 13.14 ? 100 HOH B O     1 
HETATM 513 O  O     . HOH H 4 .  ? -0.974  -16.940 -7.117  1.00 12.97 ? 112 HOH B O     1 
HETATM 514 O  O     . HOH H 4 .  ? -0.742  4.416   6.957   1.00 19.62 ? 117 HOH B O     1 
HETATM 515 O  O     . HOH H 4 .  ? 4.483   8.734   6.995   1.00 18.10 ? 118 HOH B O     1 
HETATM 516 O  O     . HOH H 4 .  ? 6.385   11.965  4.284   1.00 15.14 ? 119 HOH B O     1 
HETATM 517 O  O     . HOH H 4 .  ? -8.658  7.882   9.304   1.00 15.61 ? 122 HOH B O     1 
HETATM 518 O  O     . HOH H 4 .  ? -2.246  -8.307  -11.442 1.00 11.57 ? 123 HOH B O     1 
HETATM 519 O  O     . HOH H 4 .  ? -6.315  -4.778  -0.617  1.00 14.91 ? 127 HOH B O     1 
HETATM 520 O  O     . HOH H 4 .  ? -0.490  -8.725  0.203   1.00 14.54 ? 129 HOH B O     1 
HETATM 521 O  O     . HOH H 4 .  ? 3.934   -18.231 -0.904  1.00 15.04 ? 130 HOH B O     1 
HETATM 522 O  O     . HOH H 4 .  ? 6.874   -10.062 -0.549  1.00 24.67 ? 131 HOH B O     1 
HETATM 523 O  O     . HOH H 4 .  ? 5.902   -17.346 -0.710  1.00 17.69 ? 135 HOH B O     1 
HETATM 524 O  O     . HOH H 4 .  ? 7.450   9.079   11.047  1.00 11.61 ? 136 HOH B O     1 
HETATM 525 O  O     . HOH H 4 .  ? -7.478  -12.951 -10.257 1.00 17.40 ? 138 HOH B O     1 
HETATM 526 O  O     . HOH H 4 .  ? 2.304   4.789   3.645   1.00 8.66  ? 140 HOH B O     1 
HETATM 527 O  O     . HOH H 4 .  ? 8.354   -17.643 3.257   1.00 16.94 ? 141 HOH B O     1 
HETATM 528 O  O     . HOH H 4 .  ? -0.329  -11.307 3.768   1.00 7.70  ? 142 HOH B O     1 
HETATM 529 O  O     . HOH H 4 .  ? -1.688  -10.664 0.319   1.00 14.91 ? 144 HOH B O     1 
HETATM 530 O  O     . HOH H 4 .  ? 1.726   2.356   3.644   1.00 21.44 ? 150 HOH B O     1 
HETATM 531 O  O     . HOH H 4 .  ? -6.425  -4.030  3.495   1.00 13.31 ? 154 HOH B O     1 
HETATM 532 O  O     . HOH H 4 .  ? -9.475  -7.734  -5.314  1.00 13.65 ? 155 HOH B O     1 
HETATM 533 O  O     . HOH H 4 .  ? -2.034  -12.155 5.494   1.00 16.17 ? 156 HOH B O     1 
HETATM 534 O  O     . HOH H 4 .  ? -11.118 3.823   6.301   1.00 14.92 ? 157 HOH B O     1 
HETATM 535 O  O     . HOH H 4 .  ? -0.646  2.693   12.958  1.00 20.26 ? 158 HOH B O     1 
HETATM 536 O  O     . HOH H 4 .  ? -7.996  3.123   11.370  1.00 18.50 ? 159 HOH B O     1 
HETATM 537 O  O     . HOH H 4 .  ? -8.930  -7.999  -2.861  1.00 13.57 ? 160 HOH B O     1 
HETATM 538 O  O     . HOH H 4 .  ? -6.986  4.469   10.034  1.00 20.83 ? 162 HOH B O     1 
# 
loop_
_pdbx_poly_seq_scheme.asym_id 
_pdbx_poly_seq_scheme.entity_id 
_pdbx_poly_seq_scheme.seq_id 
_pdbx_poly_seq_scheme.mon_id 
_pdbx_poly_seq_scheme.ndb_seq_num 
_pdbx_poly_seq_scheme.pdb_seq_num 
_pdbx_poly_seq_scheme.auth_seq_num 
_pdbx_poly_seq_scheme.pdb_mon_id 
_pdbx_poly_seq_scheme.auth_mon_id 
_pdbx_poly_seq_scheme.pdb_strand_id 
_pdbx_poly_seq_scheme.pdb_ins_code 
_pdbx_poly_seq_scheme.hetero 
A 1 1  DC 1  1  1  DC C A . n 
A 1 2  DC 2  2  2  DC C A . n 
A 1 3  DT 3  3  3  DT T A . n 
A 1 4  DC 4  4  4  DC C A . n 
A 1 5  DC 5  5  5  DC C A . n 
A 1 6  DG 6  6  6  DG G A . n 
A 1 7  DG 7  7  7  DG G A . n 
A 1 8  DA 8  8  8  DA A A . n 
A 1 9  DG 9  9  9  DG G A . n 
A 1 10 DG 10 10 10 DG G A . n 
B 1 1  DC 1  11 11 DC C B . n 
B 1 2  DC 2  12 12 DC C B . n 
B 1 3  DT 3  13 13 DT T B . n 
B 1 4  DC 4  14 14 DC C B . n 
B 1 5  DC 5  15 15 DC C B . n 
B 1 6  DG 6  16 16 DG G B . n 
B 1 7  DG 7  17 17 DG G B . n 
B 1 8  DA 8  18 18 DA A B . n 
B 1 9  DG 9  19 19 DG G B . n 
B 1 10 DG 10 20 20 DG G B . n 
# 
loop_
_pdbx_nonpoly_scheme.asym_id 
_pdbx_nonpoly_scheme.entity_id 
_pdbx_nonpoly_scheme.mon_id 
_pdbx_nonpoly_scheme.ndb_seq_num 
_pdbx_nonpoly_scheme.pdb_seq_num 
_pdbx_nonpoly_scheme.auth_seq_num 
_pdbx_nonpoly_scheme.pdb_mon_id 
_pdbx_nonpoly_scheme.auth_mon_id 
_pdbx_nonpoly_scheme.pdb_strand_id 
_pdbx_nonpoly_scheme.pdb_ins_code 
C 2 NA  1  21  21  NA  NA  A . 
D 2 NA  1  23  23  NA  NA  B . 
E 2 NA  1  24  24  NA  NA  B . 
F 3 CA  1  22  22  CA  CA  B . 
G 4 HOH 1  25  25  HOH HOH A . 
G 4 HOH 2  28  28  HOH HOH A . 
G 4 HOH 3  34  34  HOH HOH A . 
G 4 HOH 4  37  37  HOH HOH A . 
G 4 HOH 5  42  42  HOH HOH A . 
G 4 HOH 6  44  44  HOH HOH A . 
G 4 HOH 7  45  45  HOH HOH A . 
G 4 HOH 8  48  48  HOH HOH A . 
G 4 HOH 9  49  49  HOH HOH A . 
G 4 HOH 10 50  50  HOH HOH A . 
G 4 HOH 11 51  51  HOH HOH A . 
G 4 HOH 12 52  52  HOH HOH A . 
G 4 HOH 13 57  57  HOH HOH A . 
G 4 HOH 14 58  58  HOH HOH A . 
G 4 HOH 15 59  59  HOH HOH A . 
G 4 HOH 16 60  60  HOH HOH A . 
G 4 HOH 17 67  67  HOH HOH A . 
G 4 HOH 18 69  69  HOH HOH A . 
G 4 HOH 19 70  70  HOH HOH A . 
G 4 HOH 20 75  75  HOH HOH A . 
G 4 HOH 21 79  79  HOH HOH A . 
G 4 HOH 22 80  80  HOH HOH A . 
G 4 HOH 23 83  83  HOH HOH A . 
G 4 HOH 24 84  84  HOH HOH A . 
G 4 HOH 25 85  85  HOH HOH A . 
G 4 HOH 26 87  87  HOH HOH A . 
G 4 HOH 27 90  90  HOH HOH A . 
G 4 HOH 28 111 111 HOH HOH A . 
G 4 HOH 29 113 113 HOH HOH A . 
G 4 HOH 30 114 114 HOH HOH A . 
G 4 HOH 31 115 115 HOH HOH A . 
G 4 HOH 32 116 116 HOH HOH A . 
G 4 HOH 33 120 120 HOH HOH A . 
G 4 HOH 34 121 121 HOH HOH A . 
G 4 HOH 35 124 124 HOH HOH A . 
G 4 HOH 36 125 125 HOH HOH A . 
G 4 HOH 37 126 126 HOH HOH A . 
G 4 HOH 38 128 128 HOH HOH A . 
G 4 HOH 39 132 132 HOH HOH A . 
G 4 HOH 40 133 133 HOH HOH A . 
G 4 HOH 41 134 134 HOH HOH A . 
G 4 HOH 42 137 137 HOH HOH A . 
G 4 HOH 43 139 139 HOH HOH A . 
G 4 HOH 44 143 143 HOH HOH A . 
G 4 HOH 45 145 145 HOH HOH A . 
G 4 HOH 46 146 146 HOH HOH A . 
G 4 HOH 47 147 147 HOH HOH A . 
G 4 HOH 48 148 148 HOH HOH A . 
G 4 HOH 49 149 149 HOH HOH A . 
G 4 HOH 50 151 151 HOH HOH A . 
G 4 HOH 51 152 152 HOH HOH A . 
G 4 HOH 52 153 153 HOH HOH A . 
G 4 HOH 53 161 161 HOH HOH A . 
G 4 HOH 54 163 163 HOH HOH A . 
G 4 HOH 55 164 164 HOH HOH A . 
G 4 HOH 56 165 165 HOH HOH A . 
H 4 HOH 1  26  26  HOH HOH B . 
H 4 HOH 2  27  27  HOH HOH B . 
H 4 HOH 3  29  29  HOH HOH B . 
H 4 HOH 4  30  30  HOH HOH B . 
H 4 HOH 5  31  31  HOH HOH B . 
H 4 HOH 6  32  32  HOH HOH B . 
H 4 HOH 7  35  35  HOH HOH B . 
H 4 HOH 8  36  36  HOH HOH B . 
H 4 HOH 9  38  38  HOH HOH B . 
H 4 HOH 10 39  39  HOH HOH B . 
H 4 HOH 11 40  40  HOH HOH B . 
H 4 HOH 12 41  41  HOH HOH B . 
H 4 HOH 13 43  43  HOH HOH B . 
H 4 HOH 14 46  46  HOH HOH B . 
H 4 HOH 15 47  47  HOH HOH B . 
H 4 HOH 16 53  53  HOH HOH B . 
H 4 HOH 17 54  54  HOH HOH B . 
H 4 HOH 18 55  55  HOH HOH B . 
H 4 HOH 19 56  56  HOH HOH B . 
H 4 HOH 20 61  61  HOH HOH B . 
H 4 HOH 21 62  62  HOH HOH B . 
H 4 HOH 22 63  63  HOH HOH B . 
H 4 HOH 23 64  64  HOH HOH B . 
H 4 HOH 24 65  65  HOH HOH B . 
H 4 HOH 25 66  66  HOH HOH B . 
H 4 HOH 26 68  68  HOH HOH B . 
H 4 HOH 27 71  71  HOH HOH B . 
H 4 HOH 28 72  72  HOH HOH B . 
H 4 HOH 29 73  73  HOH HOH B . 
H 4 HOH 30 74  74  HOH HOH B . 
H 4 HOH 31 76  76  HOH HOH B . 
H 4 HOH 32 77  77  HOH HOH B . 
H 4 HOH 33 78  78  HOH HOH B . 
H 4 HOH 34 81  81  HOH HOH B . 
H 4 HOH 35 82  82  HOH HOH B . 
H 4 HOH 36 86  86  HOH HOH B . 
H 4 HOH 37 88  88  HOH HOH B . 
H 4 HOH 38 89  89  HOH HOH B . 
H 4 HOH 39 91  91  HOH HOH B . 
H 4 HOH 40 92  92  HOH HOH B . 
H 4 HOH 41 93  93  HOH HOH B . 
H 4 HOH 42 94  94  HOH HOH B . 
H 4 HOH 43 95  95  HOH HOH B . 
H 4 HOH 44 96  96  HOH HOH B . 
H 4 HOH 45 97  97  HOH HOH B . 
H 4 HOH 46 98  98  HOH HOH B . 
H 4 HOH 47 99  99  HOH HOH B . 
H 4 HOH 48 100 100 HOH HOH B . 
H 4 HOH 49 112 112 HOH HOH B . 
H 4 HOH 50 117 117 HOH HOH B . 
H 4 HOH 51 118 118 HOH HOH B . 
H 4 HOH 52 119 119 HOH HOH B . 
H 4 HOH 53 122 122 HOH HOH B . 
H 4 HOH 54 123 123 HOH HOH B . 
H 4 HOH 55 127 127 HOH HOH B . 
H 4 HOH 56 129 129 HOH HOH B . 
H 4 HOH 57 130 130 HOH HOH B . 
H 4 HOH 58 131 131 HOH HOH B . 
H 4 HOH 59 135 135 HOH HOH B . 
H 4 HOH 60 136 136 HOH HOH B . 
H 4 HOH 61 138 138 HOH HOH B . 
H 4 HOH 62 140 140 HOH HOH B . 
H 4 HOH 63 141 141 HOH HOH B . 
H 4 HOH 64 142 142 HOH HOH B . 
H 4 HOH 65 144 144 HOH HOH B . 
H 4 HOH 66 150 150 HOH HOH B . 
H 4 HOH 67 154 154 HOH HOH B . 
H 4 HOH 68 155 155 HOH HOH B . 
H 4 HOH 69 156 156 HOH HOH B . 
H 4 HOH 70 157 157 HOH HOH B . 
H 4 HOH 71 158 158 HOH HOH B . 
H 4 HOH 72 159 159 HOH HOH B . 
H 4 HOH 73 160 160 HOH HOH B . 
H 4 HOH 74 162 162 HOH HOH B . 
# 
_pdbx_struct_assembly.id                   1 
_pdbx_struct_assembly.details              author_defined_assembly 
_pdbx_struct_assembly.method_details       ? 
_pdbx_struct_assembly.oligomeric_details   dimeric 
_pdbx_struct_assembly.oligomeric_count     2 
# 
_pdbx_struct_assembly_gen.assembly_id       1 
_pdbx_struct_assembly_gen.oper_expression   1 
_pdbx_struct_assembly_gen.asym_id_list      A,B,C,D,E,F,G,H 
# 
_pdbx_struct_oper_list.id                   1 
_pdbx_struct_oper_list.type                 'identity operation' 
_pdbx_struct_oper_list.name                 1_555 
_pdbx_struct_oper_list.symmetry_operation   x,y,z 
_pdbx_struct_oper_list.matrix[1][1]         1.0000000000 
_pdbx_struct_oper_list.matrix[1][2]         0.0000000000 
_pdbx_struct_oper_list.matrix[1][3]         0.0000000000 
_pdbx_struct_oper_list.vector[1]            0.0000000000 
_pdbx_struct_oper_list.matrix[2][1]         0.0000000000 
_pdbx_struct_oper_list.matrix[2][2]         1.0000000000 
_pdbx_struct_oper_list.matrix[2][3]         0.0000000000 
_pdbx_struct_oper_list.vector[2]            0.0000000000 
_pdbx_struct_oper_list.matrix[3][1]         0.0000000000 
_pdbx_struct_oper_list.matrix[3][2]         0.0000000000 
_pdbx_struct_oper_list.matrix[3][3]         1.0000000000 
_pdbx_struct_oper_list.vector[3]            0.0000000000 
# 
loop_
_pdbx_struct_conn_angle.id 
_pdbx_struct_conn_angle.ptnr1_label_atom_id 
_pdbx_struct_conn_angle.ptnr1_label_alt_id 
_pdbx_struct_conn_angle.ptnr1_label_asym_id 
_pdbx_struct_conn_angle.ptnr1_label_comp_id 
_pdbx_struct_conn_angle.ptnr1_label_seq_id 
_pdbx_struct_conn_angle.ptnr1_auth_atom_id 
_pdbx_struct_conn_angle.ptnr1_auth_asym_id 
_pdbx_struct_conn_angle.ptnr1_auth_comp_id 
_pdbx_struct_conn_angle.ptnr1_auth_seq_id 
_pdbx_struct_conn_angle.ptnr1_PDB_ins_code 
_pdbx_struct_conn_angle.ptnr1_symmetry 
_pdbx_struct_conn_angle.ptnr2_label_atom_id 
_pdbx_struct_conn_angle.ptnr2_label_alt_id 
_pdbx_struct_conn_angle.ptnr2_label_asym_id 
_pdbx_struct_conn_angle.ptnr2_label_comp_id 
_pdbx_struct_conn_angle.ptnr2_label_seq_id 
_pdbx_struct_conn_angle.ptnr2_auth_atom_id 
_pdbx_struct_conn_angle.ptnr2_auth_asym_id 
_pdbx_struct_conn_angle.ptnr2_auth_comp_id 
_pdbx_struct_conn_angle.ptnr2_auth_seq_id 
_pdbx_struct_conn_angle.ptnr2_PDB_ins_code 
_pdbx_struct_conn_angle.ptnr2_symmetry 
_pdbx_struct_conn_angle.ptnr3_label_atom_id 
_pdbx_struct_conn_angle.ptnr3_label_alt_id 
_pdbx_struct_conn_angle.ptnr3_label_asym_id 
_pdbx_struct_conn_angle.ptnr3_label_comp_id 
_pdbx_struct_conn_angle.ptnr3_label_seq_id 
_pdbx_struct_conn_angle.ptnr3_auth_atom_id 
_pdbx_struct_conn_angle.ptnr3_auth_asym_id 
_pdbx_struct_conn_angle.ptnr3_auth_comp_id 
_pdbx_struct_conn_angle.ptnr3_auth_seq_id 
_pdbx_struct_conn_angle.ptnr3_PDB_ins_code 
_pdbx_struct_conn_angle.ptnr3_symmetry 
_pdbx_struct_conn_angle.value 
_pdbx_struct_conn_angle.value_esd 
1  O ? G HOH . ? A HOH 34 ? 1_555 NA ? C NA . ? A NA 21 ? 1_555 O ? G HOH . ? A HOH 83  ? 1_555 132.8 ? 
2  O ? H HOH . ? B HOH 27 ? 1_555 CA ? F CA . ? B CA 22 ? 1_555 O ? H HOH . ? B HOH 38  ? 1_555 91.3  ? 
3  O ? H HOH . ? B HOH 27 ? 1_555 CA ? F CA . ? B CA 22 ? 1_555 O ? H HOH . ? B HOH 40  ? 1_555 75.8  ? 
4  O ? H HOH . ? B HOH 38 ? 1_555 CA ? F CA . ? B CA 22 ? 1_555 O ? H HOH . ? B HOH 40  ? 1_555 89.4  ? 
5  O ? H HOH . ? B HOH 27 ? 1_555 CA ? F CA . ? B CA 22 ? 1_555 O ? H HOH . ? B HOH 55  ? 1_555 119.2 ? 
6  O ? H HOH . ? B HOH 38 ? 1_555 CA ? F CA . ? B CA 22 ? 1_555 O ? H HOH . ? B HOH 55  ? 1_555 148.2 ? 
7  O ? H HOH . ? B HOH 40 ? 1_555 CA ? F CA . ? B CA 22 ? 1_555 O ? H HOH . ? B HOH 55  ? 1_555 89.8  ? 
8  O ? H HOH . ? B HOH 27 ? 1_555 CA ? F CA . ? B CA 22 ? 1_555 O ? H HOH . ? B HOH 65  ? 1_555 57.9  ? 
9  O ? H HOH . ? B HOH 38 ? 1_555 CA ? F CA . ? B CA 22 ? 1_555 O ? H HOH . ? B HOH 65  ? 1_555 126.1 ? 
10 O ? H HOH . ? B HOH 40 ? 1_555 CA ? F CA . ? B CA 22 ? 1_555 O ? H HOH . ? B HOH 65  ? 1_555 118.7 ? 
11 O ? H HOH . ? B HOH 55 ? 1_555 CA ? F CA . ? B CA 22 ? 1_555 O ? H HOH . ? B HOH 65  ? 1_555 81.3  ? 
12 O ? H HOH . ? B HOH 27 ? 1_555 CA ? F CA . ? B CA 22 ? 1_555 O ? H HOH . ? B HOH 127 ? 1_555 68.4  ? 
13 O ? H HOH . ? B HOH 38 ? 1_555 CA ? F CA . ? B CA 22 ? 1_555 O ? H HOH . ? B HOH 127 ? 1_555 75.6  ? 
14 O ? H HOH . ? B HOH 40 ? 1_555 CA ? F CA . ? B CA 22 ? 1_555 O ? H HOH . ? B HOH 127 ? 1_555 140.6 ? 
15 O ? H HOH . ? B HOH 55 ? 1_555 CA ? F CA . ? B CA 22 ? 1_555 O ? H HOH . ? B HOH 127 ? 1_555 121.8 ? 
16 O ? H HOH . ? B HOH 65 ? 1_555 CA ? F CA . ? B CA 22 ? 1_555 O ? H HOH . ? B HOH 127 ? 1_555 53.1  ? 
17 O ? H HOH . ? B HOH 68 ? 1_555 NA ? D NA . ? B NA 23 ? 1_555 O ? H HOH . ? B HOH 73  ? 1_555 76.9  ? 
18 O ? H HOH . ? B HOH 68 ? 1_555 NA ? D NA . ? B NA 23 ? 1_555 O ? H HOH . ? B HOH 141 ? 1_555 122.4 ? 
19 O ? H HOH . ? B HOH 73 ? 1_555 NA ? D NA . ? B NA 23 ? 1_555 O ? H HOH . ? B HOH 141 ? 1_555 81.3  ? 
20 O ? H HOH . ? B HOH 36 ? 1_555 NA ? E NA . ? B NA 24 ? 1_555 O ? H HOH . ? B HOH 82  ? 1_555 75.1  ? 
21 O ? H HOH . ? B HOH 36 ? 1_555 NA ? E NA . ? B NA 24 ? 1_555 O ? H HOH . ? B HOH 142 ? 1_555 71.9  ? 
22 O ? H HOH . ? B HOH 82 ? 1_555 NA ? E NA . ? B NA 24 ? 1_555 O ? H HOH . ? B HOH 142 ? 1_555 78.5  ? 
# 
loop_
_pdbx_audit_revision_history.ordinal 
_pdbx_audit_revision_history.data_content_type 
_pdbx_audit_revision_history.major_revision 
_pdbx_audit_revision_history.minor_revision 
_pdbx_audit_revision_history.revision_date 
1 'Structure model' 1 0 2005-05-10 
2 'Structure model' 1 1 2008-04-30 
3 'Structure model' 1 2 2011-07-13 
4 'Structure model' 1 3 2017-10-11 
5 'Structure model' 1 4 2023-08-23 
# 
_pdbx_audit_revision_details.ordinal             1 
_pdbx_audit_revision_details.revision_ordinal    1 
_pdbx_audit_revision_details.data_content_type   'Structure model' 
_pdbx_audit_revision_details.provider            repository 
_pdbx_audit_revision_details.type                'Initial release' 
_pdbx_audit_revision_details.description         ? 
_pdbx_audit_revision_details.details             ? 
# 
loop_
_pdbx_audit_revision_group.ordinal 
_pdbx_audit_revision_group.revision_ordinal 
_pdbx_audit_revision_group.data_content_type 
_pdbx_audit_revision_group.group 
1 2 'Structure model' 'Version format compliance' 
2 3 'Structure model' 'Version format compliance' 
3 4 'Structure model' 'Refinement description'    
4 5 'Structure model' 'Data collection'           
5 5 'Structure model' 'Database references'       
6 5 'Structure model' 'Derived calculations'      
7 5 'Structure model' 'Refinement description'    
# 
loop_
_pdbx_audit_revision_category.ordinal 
_pdbx_audit_revision_category.revision_ordinal 
_pdbx_audit_revision_category.data_content_type 
_pdbx_audit_revision_category.category 
1 4 'Structure model' software                      
2 5 'Structure model' chem_comp_atom                
3 5 'Structure model' chem_comp_bond                
4 5 'Structure model' database_2                    
5 5 'Structure model' pdbx_initial_refinement_model 
6 5 'Structure model' pdbx_struct_conn_angle        
7 5 'Structure model' struct_conn                   
8 5 'Structure model' struct_site                   
# 
loop_
_pdbx_audit_revision_item.ordinal 
_pdbx_audit_revision_item.revision_ordinal 
_pdbx_audit_revision_item.data_content_type 
_pdbx_audit_revision_item.item 
1  5 'Structure model' '_database_2.pdbx_DOI'                        
2  5 'Structure model' '_database_2.pdbx_database_accession'         
3  5 'Structure model' '_pdbx_struct_conn_angle.ptnr1_auth_seq_id'   
4  5 'Structure model' '_pdbx_struct_conn_angle.ptnr2_auth_comp_id'  
5  5 'Structure model' '_pdbx_struct_conn_angle.ptnr2_auth_seq_id'   
6  5 'Structure model' '_pdbx_struct_conn_angle.ptnr2_label_asym_id' 
7  5 'Structure model' '_pdbx_struct_conn_angle.ptnr2_label_atom_id' 
8  5 'Structure model' '_pdbx_struct_conn_angle.ptnr2_label_comp_id' 
9  5 'Structure model' '_pdbx_struct_conn_angle.ptnr3_auth_seq_id'   
10 5 'Structure model' '_pdbx_struct_conn_angle.value'               
11 5 'Structure model' '_struct_conn.pdbx_dist_value'                
12 5 'Structure model' '_struct_conn.ptnr1_auth_comp_id'             
13 5 'Structure model' '_struct_conn.ptnr1_auth_seq_id'              
14 5 'Structure model' '_struct_conn.ptnr1_label_asym_id'            
15 5 'Structure model' '_struct_conn.ptnr1_label_atom_id'            
16 5 'Structure model' '_struct_conn.ptnr1_label_comp_id'            
17 5 'Structure model' '_struct_conn.ptnr2_auth_seq_id'              
18 5 'Structure model' '_struct_site.pdbx_auth_asym_id'              
19 5 'Structure model' '_struct_site.pdbx_auth_comp_id'              
20 5 'Structure model' '_struct_site.pdbx_auth_seq_id'               
# 
loop_
_software.name 
_software.version 
_software.date 
_software.type 
_software.contact_author 
_software.contact_author_email 
_software.classification 
_software.location 
_software.language 
_software.citation_id 
_software.pdbx_ordinal 
DENZO     .   ? package 'Zbyszek Otwinowski' zbyszek@mix.swmed.edu 'data reduction' 
http://www.lnls.br/infra/linhasluz/denzo-hkl.htm ?          ? 1 
SCALEPACK .   ? package 'Zbyszek Otwinowski' zbyszek@mix.swmed.edu 'data scaling'   
http://www.lnls.br/infra/linhasluz/denzo-hkl.htm ?          ? 2 
CNS       1.1 ? package 'Axel T. Brunger'    axel.brunger@yale.edu refinement       http://cns.csb.yale.edu/v1.1/ Fortran_77 ? 3 
EPMR      .   ? ?       ?                    ?                     phasing          ? ?          ? 4 
# 
loop_
_pdbx_validate_close_contact.id 
_pdbx_validate_close_contact.PDB_model_num 
_pdbx_validate_close_contact.auth_atom_id_1 
_pdbx_validate_close_contact.auth_asym_id_1 
_pdbx_validate_close_contact.auth_comp_id_1 
_pdbx_validate_close_contact.auth_seq_id_1 
_pdbx_validate_close_contact.PDB_ins_code_1 
_pdbx_validate_close_contact.label_alt_id_1 
_pdbx_validate_close_contact.auth_atom_id_2 
_pdbx_validate_close_contact.auth_asym_id_2 
_pdbx_validate_close_contact.auth_comp_id_2 
_pdbx_validate_close_contact.auth_seq_id_2 
_pdbx_validate_close_contact.PDB_ins_code_2 
_pdbx_validate_close_contact.label_alt_id_2 
_pdbx_validate_close_contact.dist 
1  1 O     A HOH 84  ? ? O A HOH 152 ? ? 1.70 
2  1 O     A HOH 59  ? ? O A HOH 152 ? ? 1.87 
3  1 N7    B DG  19  ? ? O B HOH 36  ? ? 2.00 
4  1 "C3'" A DG  10  ? ? O A HOH 44  ? ? 2.04 
5  1 N3    B DA  18  ? ? O B HOH 31  ? ? 2.04 
6  1 N3    B DC  11  ? ? O B HOH 39  ? ? 2.13 
7  1 O     B HOH 159 ? ? O B HOH 162 ? ? 2.15 
8  1 OP2   B DT  13  ? ? O B HOH 117 ? ? 2.16 
9  1 O     B HOH 130 ? ? O B HOH 135 ? ? 2.17 
10 1 O     A HOH 48  ? ? O A HOH 113 ? ? 2.19 
# 
_pdbx_validate_symm_contact.id                1 
_pdbx_validate_symm_contact.PDB_model_num     1 
_pdbx_validate_symm_contact.auth_atom_id_1    OP1 
_pdbx_validate_symm_contact.auth_asym_id_1    A 
_pdbx_validate_symm_contact.auth_comp_id_1    DG 
_pdbx_validate_symm_contact.auth_seq_id_1     10 
_pdbx_validate_symm_contact.PDB_ins_code_1    ? 
_pdbx_validate_symm_contact.label_alt_id_1    ? 
_pdbx_validate_symm_contact.site_symmetry_1   1_555 
_pdbx_validate_symm_contact.auth_atom_id_2    O 
_pdbx_validate_symm_contact.auth_asym_id_2    B 
_pdbx_validate_symm_contact.auth_comp_id_2    HOH 
_pdbx_validate_symm_contact.auth_seq_id_2     53 
_pdbx_validate_symm_contact.PDB_ins_code_2    ? 
_pdbx_validate_symm_contact.label_alt_id_2    ? 
_pdbx_validate_symm_contact.site_symmetry_2   4_556 
_pdbx_validate_symm_contact.dist              1.84 
# 
loop_
_pdbx_validate_rmsd_bond.id 
_pdbx_validate_rmsd_bond.PDB_model_num 
_pdbx_validate_rmsd_bond.auth_atom_id_1 
_pdbx_validate_rmsd_bond.auth_asym_id_1 
_pdbx_validate_rmsd_bond.auth_comp_id_1 
_pdbx_validate_rmsd_bond.auth_seq_id_1 
_pdbx_validate_rmsd_bond.PDB_ins_code_1 
_pdbx_validate_rmsd_bond.label_alt_id_1 
_pdbx_validate_rmsd_bond.auth_atom_id_2 
_pdbx_validate_rmsd_bond.auth_asym_id_2 
_pdbx_validate_rmsd_bond.auth_comp_id_2 
_pdbx_validate_rmsd_bond.auth_seq_id_2 
_pdbx_validate_rmsd_bond.PDB_ins_code_2 
_pdbx_validate_rmsd_bond.label_alt_id_2 
_pdbx_validate_rmsd_bond.bond_value 
_pdbx_validate_rmsd_bond.bond_target_value 
_pdbx_validate_rmsd_bond.bond_deviation 
_pdbx_validate_rmsd_bond.bond_standard_deviation 
_pdbx_validate_rmsd_bond.linker_flag 
1  1 P     A DC 2  ? ? "O5'" A DC 2  ? ? 1.655 1.593 0.062  0.010 N 
2  1 C2    A DC 2  ? ? O2    A DC 2  ? ? 1.180 1.240 -0.060 0.009 N 
3  1 C2    A DC 4  ? ? N3    A DC 4  ? ? 1.302 1.353 -0.051 0.008 N 
4  1 C5    A DC 4  ? ? C6    A DC 4  ? ? 1.284 1.339 -0.055 0.008 N 
5  1 C2    A DC 5  ? ? O2    A DC 5  ? ? 1.184 1.240 -0.056 0.009 N 
6  1 "O3'" A DA 8  ? ? "C3'" A DA 8  ? ? 1.357 1.419 -0.062 0.006 N 
7  1 C8    A DG 10 ? ? N9    A DG 10 ? ? 1.426 1.374 0.052  0.007 N 
8  1 C6    A DG 10 ? ? O6    A DG 10 ? ? 1.177 1.237 -0.060 0.009 N 
9  1 N1    B DC 11 ? ? C2    B DC 11 ? ? 1.322 1.397 -0.075 0.010 N 
10 1 C5    B DC 11 ? ? C6    B DC 11 ? ? 1.287 1.339 -0.052 0.008 N 
11 1 C4    B DT 13 ? ? O4    B DT 13 ? ? 1.287 1.228 0.059  0.009 N 
12 1 C4    B DC 15 ? ? C5    B DC 15 ? ? 1.480 1.425 0.055  0.008 N 
13 1 "C2'" B DG 17 ? ? "C1'" B DG 17 ? ? 1.583 1.519 0.064  0.010 N 
14 1 C5    B DA 18 ? ? C6    B DA 18 ? ? 1.348 1.406 -0.058 0.009 N 
15 1 C6    B DG 20 ? ? O6    B DG 20 ? ? 1.292 1.237 0.055  0.009 N 
# 
loop_
_pdbx_validate_rmsd_angle.id 
_pdbx_validate_rmsd_angle.PDB_model_num 
_pdbx_validate_rmsd_angle.auth_atom_id_1 
_pdbx_validate_rmsd_angle.auth_asym_id_1 
_pdbx_validate_rmsd_angle.auth_comp_id_1 
_pdbx_validate_rmsd_angle.auth_seq_id_1 
_pdbx_validate_rmsd_angle.PDB_ins_code_1 
_pdbx_validate_rmsd_angle.label_alt_id_1 
_pdbx_validate_rmsd_angle.auth_atom_id_2 
_pdbx_validate_rmsd_angle.auth_asym_id_2 
_pdbx_validate_rmsd_angle.auth_comp_id_2 
_pdbx_validate_rmsd_angle.auth_seq_id_2 
_pdbx_validate_rmsd_angle.PDB_ins_code_2 
_pdbx_validate_rmsd_angle.label_alt_id_2 
_pdbx_validate_rmsd_angle.auth_atom_id_3 
_pdbx_validate_rmsd_angle.auth_asym_id_3 
_pdbx_validate_rmsd_angle.auth_comp_id_3 
_pdbx_validate_rmsd_angle.auth_seq_id_3 
_pdbx_validate_rmsd_angle.PDB_ins_code_3 
_pdbx_validate_rmsd_angle.label_alt_id_3 
_pdbx_validate_rmsd_angle.angle_value 
_pdbx_validate_rmsd_angle.angle_target_value 
_pdbx_validate_rmsd_angle.angle_deviation 
_pdbx_validate_rmsd_angle.angle_standard_deviation 
_pdbx_validate_rmsd_angle.linker_flag 
1  1 "C1'" A DC 4  ? ? "O4'" A DC 4  ? ? "C4'" A DC 4  ? ? 103.44 110.10 -6.66  1.00 N 
2  1 "C3'" A DC 4  ? ? "C2'" A DC 4  ? ? "C1'" A DC 4  ? ? 94.53  102.40 -7.87  0.80 N 
3  1 "O4'" A DC 4  ? ? "C1'" A DC 4  ? ? N1    A DC 4  ? ? 111.67 108.30 3.37   0.30 N 
4  1 "C4'" A DC 5  ? ? "C3'" A DC 5  ? ? "C2'" A DC 5  ? ? 109.27 103.10 6.17   0.90 N 
5  1 "O4'" A DC 5  ? ? "C1'" A DC 5  ? ? N1    A DC 5  ? ? 110.22 108.30 1.92   0.30 N 
6  1 "C5'" A DG 7  ? ? "C4'" A DG 7  ? ? "C3'" A DG 7  ? ? 125.15 115.70 9.45   1.20 N 
7  1 "O5'" A DG 9  ? ? P     A DG 9  ? ? OP2   A DG 9  ? ? 98.75  105.70 -6.95  0.90 N 
8  1 "C5'" A DG 10 ? ? "C4'" A DG 10 ? ? "C3'" A DG 10 ? ? 125.28 115.70 9.58   1.20 N 
9  1 "C3'" B DC 11 ? ? "C2'" B DC 11 ? ? "C1'" B DC 11 ? ? 96.68  102.40 -5.72  0.80 N 
10 1 "C1'" B DC 12 ? ? "O4'" B DC 12 ? ? "C4'" B DC 12 ? ? 103.90 110.10 -6.20  1.00 N 
11 1 "O4'" B DC 12 ? ? "C1'" B DC 12 ? ? N1    B DC 12 ? ? 112.32 108.30 4.02   0.30 N 
12 1 "O5'" B DT 13 ? ? P     B DT 13 ? ? OP2   B DT 13 ? ? 97.21  105.70 -8.49  0.90 N 
13 1 "O4'" B DC 15 ? ? "C1'" B DC 15 ? ? N1    B DC 15 ? ? 112.23 108.30 3.93   0.30 N 
14 1 "O4'" B DG 16 ? ? "C1'" B DG 16 ? ? "C2'" B DG 16 ? ? 100.98 105.90 -4.92  0.80 N 
15 1 N9    B DG 16 ? ? "C1'" B DG 16 ? ? "C2'" B DG 16 ? ? 99.19  112.60 -13.41 1.90 N 
16 1 "C5'" B DG 19 ? ? "C4'" B DG 19 ? ? "C3'" B DG 19 ? ? 122.98 115.70 7.28   1.20 N 
17 1 N9    B DG 19 ? ? "C1'" B DG 19 ? ? "C2'" B DG 19 ? ? 97.98  112.60 -14.62 1.90 N 
# 
loop_
_pdbx_validate_planes.id 
_pdbx_validate_planes.PDB_model_num 
_pdbx_validate_planes.auth_comp_id 
_pdbx_validate_planes.auth_asym_id 
_pdbx_validate_planes.auth_seq_id 
_pdbx_validate_planes.PDB_ins_code 
_pdbx_validate_planes.label_alt_id 
_pdbx_validate_planes.rmsd 
_pdbx_validate_planes.type 
1 1 DG A 7  ? ? 0.077 'SIDE CHAIN' 
2 1 DA A 8  ? ? 0.070 'SIDE CHAIN' 
3 1 DG A 9  ? ? 0.078 'SIDE CHAIN' 
4 1 DC B 12 ? ? 0.127 'SIDE CHAIN' 
5 1 DC B 14 ? ? 0.093 'SIDE CHAIN' 
6 1 DG B 16 ? ? 0.150 'SIDE CHAIN' 
7 1 DA B 18 ? ? 0.080 'SIDE CHAIN' 
8 1 DG B 19 ? ? 0.132 'SIDE CHAIN' 
# 
loop_
_chem_comp_atom.comp_id 
_chem_comp_atom.atom_id 
_chem_comp_atom.type_symbol 
_chem_comp_atom.pdbx_aromatic_flag 
_chem_comp_atom.pdbx_stereo_config 
_chem_comp_atom.pdbx_ordinal 
CA  CA     CA N N 1   
DA  OP3    O  N N 2   
DA  P      P  N N 3   
DA  OP1    O  N N 4   
DA  OP2    O  N N 5   
DA  "O5'"  O  N N 6   
DA  "C5'"  C  N N 7   
DA  "C4'"  C  N R 8   
DA  "O4'"  O  N N 9   
DA  "C3'"  C  N S 10  
DA  "O3'"  O  N N 11  
DA  "C2'"  C  N N 12  
DA  "C1'"  C  N R 13  
DA  N9     N  Y N 14  
DA  C8     C  Y N 15  
DA  N7     N  Y N 16  
DA  C5     C  Y N 17  
DA  C6     C  Y N 18  
DA  N6     N  N N 19  
DA  N1     N  Y N 20  
DA  C2     C  Y N 21  
DA  N3     N  Y N 22  
DA  C4     C  Y N 23  
DA  HOP3   H  N N 24  
DA  HOP2   H  N N 25  
DA  "H5'"  H  N N 26  
DA  "H5''" H  N N 27  
DA  "H4'"  H  N N 28  
DA  "H3'"  H  N N 29  
DA  "HO3'" H  N N 30  
DA  "H2'"  H  N N 31  
DA  "H2''" H  N N 32  
DA  "H1'"  H  N N 33  
DA  H8     H  N N 34  
DA  H61    H  N N 35  
DA  H62    H  N N 36  
DA  H2     H  N N 37  
DC  OP3    O  N N 38  
DC  P      P  N N 39  
DC  OP1    O  N N 40  
DC  OP2    O  N N 41  
DC  "O5'"  O  N N 42  
DC  "C5'"  C  N N 43  
DC  "C4'"  C  N R 44  
DC  "O4'"  O  N N 45  
DC  "C3'"  C  N S 46  
DC  "O3'"  O  N N 47  
DC  "C2'"  C  N N 48  
DC  "C1'"  C  N R 49  
DC  N1     N  N N 50  
DC  C2     C  N N 51  
DC  O2     O  N N 52  
DC  N3     N  N N 53  
DC  C4     C  N N 54  
DC  N4     N  N N 55  
DC  C5     C  N N 56  
DC  C6     C  N N 57  
DC  HOP3   H  N N 58  
DC  HOP2   H  N N 59  
DC  "H5'"  H  N N 60  
DC  "H5''" H  N N 61  
DC  "H4'"  H  N N 62  
DC  "H3'"  H  N N 63  
DC  "HO3'" H  N N 64  
DC  "H2'"  H  N N 65  
DC  "H2''" H  N N 66  
DC  "H1'"  H  N N 67  
DC  H41    H  N N 68  
DC  H42    H  N N 69  
DC  H5     H  N N 70  
DC  H6     H  N N 71  
DG  OP3    O  N N 72  
DG  P      P  N N 73  
DG  OP1    O  N N 74  
DG  OP2    O  N N 75  
DG  "O5'"  O  N N 76  
DG  "C5'"  C  N N 77  
DG  "C4'"  C  N R 78  
DG  "O4'"  O  N N 79  
DG  "C3'"  C  N S 80  
DG  "O3'"  O  N N 81  
DG  "C2'"  C  N N 82  
DG  "C1'"  C  N R 83  
DG  N9     N  Y N 84  
DG  C8     C  Y N 85  
DG  N7     N  Y N 86  
DG  C5     C  Y N 87  
DG  C6     C  N N 88  
DG  O6     O  N N 89  
DG  N1     N  N N 90  
DG  C2     C  N N 91  
DG  N2     N  N N 92  
DG  N3     N  N N 93  
DG  C4     C  Y N 94  
DG  HOP3   H  N N 95  
DG  HOP2   H  N N 96  
DG  "H5'"  H  N N 97  
DG  "H5''" H  N N 98  
DG  "H4'"  H  N N 99  
DG  "H3'"  H  N N 100 
DG  "HO3'" H  N N 101 
DG  "H2'"  H  N N 102 
DG  "H2''" H  N N 103 
DG  "H1'"  H  N N 104 
DG  H8     H  N N 105 
DG  H1     H  N N 106 
DG  H21    H  N N 107 
DG  H22    H  N N 108 
DT  OP3    O  N N 109 
DT  P      P  N N 110 
DT  OP1    O  N N 111 
DT  OP2    O  N N 112 
DT  "O5'"  O  N N 113 
DT  "C5'"  C  N N 114 
DT  "C4'"  C  N R 115 
DT  "O4'"  O  N N 116 
DT  "C3'"  C  N S 117 
DT  "O3'"  O  N N 118 
DT  "C2'"  C  N N 119 
DT  "C1'"  C  N R 120 
DT  N1     N  N N 121 
DT  C2     C  N N 122 
DT  O2     O  N N 123 
DT  N3     N  N N 124 
DT  C4     C  N N 125 
DT  O4     O  N N 126 
DT  C5     C  N N 127 
DT  C7     C  N N 128 
DT  C6     C  N N 129 
DT  HOP3   H  N N 130 
DT  HOP2   H  N N 131 
DT  "H5'"  H  N N 132 
DT  "H5''" H  N N 133 
DT  "H4'"  H  N N 134 
DT  "H3'"  H  N N 135 
DT  "HO3'" H  N N 136 
DT  "H2'"  H  N N 137 
DT  "H2''" H  N N 138 
DT  "H1'"  H  N N 139 
DT  H3     H  N N 140 
DT  H71    H  N N 141 
DT  H72    H  N N 142 
DT  H73    H  N N 143 
DT  H6     H  N N 144 
HOH O      O  N N 145 
HOH H1     H  N N 146 
HOH H2     H  N N 147 
NA  NA     NA N N 148 
# 
loop_
_chem_comp_bond.comp_id 
_chem_comp_bond.atom_id_1 
_chem_comp_bond.atom_id_2 
_chem_comp_bond.value_order 
_chem_comp_bond.pdbx_aromatic_flag 
_chem_comp_bond.pdbx_stereo_config 
_chem_comp_bond.pdbx_ordinal 
DA  OP3   P      sing N N 1   
DA  OP3   HOP3   sing N N 2   
DA  P     OP1    doub N N 3   
DA  P     OP2    sing N N 4   
DA  P     "O5'"  sing N N 5   
DA  OP2   HOP2   sing N N 6   
DA  "O5'" "C5'"  sing N N 7   
DA  "C5'" "C4'"  sing N N 8   
DA  "C5'" "H5'"  sing N N 9   
DA  "C5'" "H5''" sing N N 10  
DA  "C4'" "O4'"  sing N N 11  
DA  "C4'" "C3'"  sing N N 12  
DA  "C4'" "H4'"  sing N N 13  
DA  "O4'" "C1'"  sing N N 14  
DA  "C3'" "O3'"  sing N N 15  
DA  "C3'" "C2'"  sing N N 16  
DA  "C3'" "H3'"  sing N N 17  
DA  "O3'" "HO3'" sing N N 18  
DA  "C2'" "C1'"  sing N N 19  
DA  "C2'" "H2'"  sing N N 20  
DA  "C2'" "H2''" sing N N 21  
DA  "C1'" N9     sing N N 22  
DA  "C1'" "H1'"  sing N N 23  
DA  N9    C8     sing Y N 24  
DA  N9    C4     sing Y N 25  
DA  C8    N7     doub Y N 26  
DA  C8    H8     sing N N 27  
DA  N7    C5     sing Y N 28  
DA  C5    C6     sing Y N 29  
DA  C5    C4     doub Y N 30  
DA  C6    N6     sing N N 31  
DA  C6    N1     doub Y N 32  
DA  N6    H61    sing N N 33  
DA  N6    H62    sing N N 34  
DA  N1    C2     sing Y N 35  
DA  C2    N3     doub Y N 36  
DA  C2    H2     sing N N 37  
DA  N3    C4     sing Y N 38  
DC  OP3   P      sing N N 39  
DC  OP3   HOP3   sing N N 40  
DC  P     OP1    doub N N 41  
DC  P     OP2    sing N N 42  
DC  P     "O5'"  sing N N 43  
DC  OP2   HOP2   sing N N 44  
DC  "O5'" "C5'"  sing N N 45  
DC  "C5'" "C4'"  sing N N 46  
DC  "C5'" "H5'"  sing N N 47  
DC  "C5'" "H5''" sing N N 48  
DC  "C4'" "O4'"  sing N N 49  
DC  "C4'" "C3'"  sing N N 50  
DC  "C4'" "H4'"  sing N N 51  
DC  "O4'" "C1'"  sing N N 52  
DC  "C3'" "O3'"  sing N N 53  
DC  "C3'" "C2'"  sing N N 54  
DC  "C3'" "H3'"  sing N N 55  
DC  "O3'" "HO3'" sing N N 56  
DC  "C2'" "C1'"  sing N N 57  
DC  "C2'" "H2'"  sing N N 58  
DC  "C2'" "H2''" sing N N 59  
DC  "C1'" N1     sing N N 60  
DC  "C1'" "H1'"  sing N N 61  
DC  N1    C2     sing N N 62  
DC  N1    C6     sing N N 63  
DC  C2    O2     doub N N 64  
DC  C2    N3     sing N N 65  
DC  N3    C4     doub N N 66  
DC  C4    N4     sing N N 67  
DC  C4    C5     sing N N 68  
DC  N4    H41    sing N N 69  
DC  N4    H42    sing N N 70  
DC  C5    C6     doub N N 71  
DC  C5    H5     sing N N 72  
DC  C6    H6     sing N N 73  
DG  OP3   P      sing N N 74  
DG  OP3   HOP3   sing N N 75  
DG  P     OP1    doub N N 76  
DG  P     OP2    sing N N 77  
DG  P     "O5'"  sing N N 78  
DG  OP2   HOP2   sing N N 79  
DG  "O5'" "C5'"  sing N N 80  
DG  "C5'" "C4'"  sing N N 81  
DG  "C5'" "H5'"  sing N N 82  
DG  "C5'" "H5''" sing N N 83  
DG  "C4'" "O4'"  sing N N 84  
DG  "C4'" "C3'"  sing N N 85  
DG  "C4'" "H4'"  sing N N 86  
DG  "O4'" "C1'"  sing N N 87  
DG  "C3'" "O3'"  sing N N 88  
DG  "C3'" "C2'"  sing N N 89  
DG  "C3'" "H3'"  sing N N 90  
DG  "O3'" "HO3'" sing N N 91  
DG  "C2'" "C1'"  sing N N 92  
DG  "C2'" "H2'"  sing N N 93  
DG  "C2'" "H2''" sing N N 94  
DG  "C1'" N9     sing N N 95  
DG  "C1'" "H1'"  sing N N 96  
DG  N9    C8     sing Y N 97  
DG  N9    C4     sing Y N 98  
DG  C8    N7     doub Y N 99  
DG  C8    H8     sing N N 100 
DG  N7    C5     sing Y N 101 
DG  C5    C6     sing N N 102 
DG  C5    C4     doub Y N 103 
DG  C6    O6     doub N N 104 
DG  C6    N1     sing N N 105 
DG  N1    C2     sing N N 106 
DG  N1    H1     sing N N 107 
DG  C2    N2     sing N N 108 
DG  C2    N3     doub N N 109 
DG  N2    H21    sing N N 110 
DG  N2    H22    sing N N 111 
DG  N3    C4     sing N N 112 
DT  OP3   P      sing N N 113 
DT  OP3   HOP3   sing N N 114 
DT  P     OP1    doub N N 115 
DT  P     OP2    sing N N 116 
DT  P     "O5'"  sing N N 117 
DT  OP2   HOP2   sing N N 118 
DT  "O5'" "C5'"  sing N N 119 
DT  "C5'" "C4'"  sing N N 120 
DT  "C5'" "H5'"  sing N N 121 
DT  "C5'" "H5''" sing N N 122 
DT  "C4'" "O4'"  sing N N 123 
DT  "C4'" "C3'"  sing N N 124 
DT  "C4'" "H4'"  sing N N 125 
DT  "O4'" "C1'"  sing N N 126 
DT  "C3'" "O3'"  sing N N 127 
DT  "C3'" "C2'"  sing N N 128 
DT  "C3'" "H3'"  sing N N 129 
DT  "O3'" "HO3'" sing N N 130 
DT  "C2'" "C1'"  sing N N 131 
DT  "C2'" "H2'"  sing N N 132 
DT  "C2'" "H2''" sing N N 133 
DT  "C1'" N1     sing N N 134 
DT  "C1'" "H1'"  sing N N 135 
DT  N1    C2     sing N N 136 
DT  N1    C6     sing N N 137 
DT  C2    O2     doub N N 138 
DT  C2    N3     sing N N 139 
DT  N3    C4     sing N N 140 
DT  N3    H3     sing N N 141 
DT  C4    O4     doub N N 142 
DT  C4    C5     sing N N 143 
DT  C5    C7     sing N N 144 
DT  C5    C6     doub N N 145 
DT  C7    H71    sing N N 146 
DT  C7    H72    sing N N 147 
DT  C7    H73    sing N N 148 
DT  C6    H6     sing N N 149 
HOH O     H1     sing N N 150 
HOH O     H2     sing N N 151 
# 
loop_
_ndb_struct_conf_na.entry_id 
_ndb_struct_conf_na.feature 
1ZFA 'double helix'        
1ZFA 'a-form double helix' 
# 
loop_
_ndb_struct_na_base_pair.model_number 
_ndb_struct_na_base_pair.i_label_asym_id 
_ndb_struct_na_base_pair.i_label_comp_id 
_ndb_struct_na_base_pair.i_label_seq_id 
_ndb_struct_na_base_pair.i_symmetry 
_ndb_struct_na_base_pair.j_label_asym_id 
_ndb_struct_na_base_pair.j_label_comp_id 
_ndb_struct_na_base_pair.j_label_seq_id 
_ndb_struct_na_base_pair.j_symmetry 
_ndb_struct_na_base_pair.shear 
_ndb_struct_na_base_pair.stretch 
_ndb_struct_na_base_pair.stagger 
_ndb_struct_na_base_pair.buckle 
_ndb_struct_na_base_pair.propeller 
_ndb_struct_na_base_pair.opening 
_ndb_struct_na_base_pair.pair_number 
_ndb_struct_na_base_pair.pair_name 
_ndb_struct_na_base_pair.i_auth_asym_id 
_ndb_struct_na_base_pair.i_auth_seq_id 
_ndb_struct_na_base_pair.i_PDB_ins_code 
_ndb_struct_na_base_pair.j_auth_asym_id 
_ndb_struct_na_base_pair.j_auth_seq_id 
_ndb_struct_na_base_pair.j_PDB_ins_code 
_ndb_struct_na_base_pair.hbond_type_28 
_ndb_struct_na_base_pair.hbond_type_12 
1 A DC 1  1_555 B DG 10 1_555 0.026  -0.183 0.222  -2.595 -1.144  -3.692  1  A_DC1:DG20_B  A 1  ? B 20 ? 19 1 
1 A DC 2  1_555 B DG 9  1_555 0.167  -0.091 -0.233 0.008  -0.751  -2.406  2  A_DC2:DG19_B  A 2  ? B 19 ? 19 1 
1 A DT 3  1_555 B DA 8  1_555 -0.053 -0.030 -0.372 11.220 -5.995  -7.407  3  A_DT3:DA18_B  A 3  ? B 18 ? 20 1 
1 A DC 4  1_555 B DG 7  1_555 0.210  -0.128 -0.098 18.807 -13.420 1.050   4  A_DC4:DG17_B  A 4  ? B 17 ? 19 1 
1 A DC 5  1_555 B DG 6  1_555 0.116  -0.186 -0.435 14.420 -15.065 -3.431  5  A_DC5:DG16_B  A 5  ? B 16 ? 19 1 
1 A DG 6  1_555 B DC 5  1_555 0.019  -0.165 0.095  5.829  -11.762 -1.543  6  A_DG6:DC15_B  A 6  ? B 15 ? 19 1 
1 A DG 7  1_555 B DC 4  1_555 -0.420 0.079  -0.364 -7.716 -11.794 4.026   7  A_DG7:DC14_B  A 7  ? B 14 ? 19 1 
1 A DA 8  1_555 B DT 3  1_555 0.144  -0.060 -0.025 -8.182 -10.233 3.638   8  A_DA8:DT13_B  A 8  ? B 13 ? 20 1 
1 A DG 9  1_555 B DC 2  1_555 0.294  -0.163 -0.034 -3.535 5.430   -5.886  9  A_DG9:DC12_B  A 9  ? B 12 ? 19 1 
1 A DG 10 1_555 B DC 1  1_555 4.265  -0.639 -1.624 -0.845 37.307  -41.745 10 A_DG10:DC11_B A 10 ? B 11 ? ?  ? 
# 
loop_
_ndb_struct_na_base_pair_step.model_number 
_ndb_struct_na_base_pair_step.i_label_asym_id_1 
_ndb_struct_na_base_pair_step.i_label_comp_id_1 
_ndb_struct_na_base_pair_step.i_label_seq_id_1 
_ndb_struct_na_base_pair_step.i_symmetry_1 
_ndb_struct_na_base_pair_step.j_label_asym_id_1 
_ndb_struct_na_base_pair_step.j_label_comp_id_1 
_ndb_struct_na_base_pair_step.j_label_seq_id_1 
_ndb_struct_na_base_pair_step.j_symmetry_1 
_ndb_struct_na_base_pair_step.i_label_asym_id_2 
_ndb_struct_na_base_pair_step.i_label_comp_id_2 
_ndb_struct_na_base_pair_step.i_label_seq_id_2 
_ndb_struct_na_base_pair_step.i_symmetry_2 
_ndb_struct_na_base_pair_step.j_label_asym_id_2 
_ndb_struct_na_base_pair_step.j_label_comp_id_2 
_ndb_struct_na_base_pair_step.j_label_seq_id_2 
_ndb_struct_na_base_pair_step.j_symmetry_2 
_ndb_struct_na_base_pair_step.shift 
_ndb_struct_na_base_pair_step.slide 
_ndb_struct_na_base_pair_step.rise 
_ndb_struct_na_base_pair_step.tilt 
_ndb_struct_na_base_pair_step.roll 
_ndb_struct_na_base_pair_step.twist 
_ndb_struct_na_base_pair_step.x_displacement 
_ndb_struct_na_base_pair_step.y_displacement 
_ndb_struct_na_base_pair_step.helical_rise 
_ndb_struct_na_base_pair_step.inclination 
_ndb_struct_na_base_pair_step.tip 
_ndb_struct_na_base_pair_step.helical_twist 
_ndb_struct_na_base_pair_step.step_number 
_ndb_struct_na_base_pair_step.step_name 
_ndb_struct_na_base_pair_step.i_auth_asym_id_1 
_ndb_struct_na_base_pair_step.i_auth_seq_id_1 
_ndb_struct_na_base_pair_step.i_PDB_ins_code_1 
_ndb_struct_na_base_pair_step.j_auth_asym_id_1 
_ndb_struct_na_base_pair_step.j_auth_seq_id_1 
_ndb_struct_na_base_pair_step.j_PDB_ins_code_1 
_ndb_struct_na_base_pair_step.i_auth_asym_id_2 
_ndb_struct_na_base_pair_step.i_auth_seq_id_2 
_ndb_struct_na_base_pair_step.i_PDB_ins_code_2 
_ndb_struct_na_base_pair_step.j_auth_asym_id_2 
_ndb_struct_na_base_pair_step.j_auth_seq_id_2 
_ndb_struct_na_base_pair_step.j_PDB_ins_code_2 
1 A DC 1 1_555 B DG 10 1_555 A DC 2  1_555 B DG 9 1_555 -0.808 -2.243 3.211 1.014  -1.919 30.821 -3.839 1.713  3.313 -3.604  
-1.906  30.896 1 AA_DC1DC2:DG19DG20_BB  A 1 ? B 20 ? A 2  ? B 19 ? 
1 A DC 2 1_555 B DG 9  1_555 A DT 3  1_555 B DA 8 1_555 -1.210 -2.115 3.206 0.505  0.581  20.946 -6.053 3.533  3.117 1.598   
-1.390  20.960 2 AA_DC2DT3:DA18DG19_BB  A 2 ? B 19 ? A 3  ? B 18 ? 
1 A DT 3 1_555 B DA 8  1_555 A DC 4  1_555 B DG 7 1_555 0.667  -1.498 3.102 -4.032 5.471  31.075 -3.634 -1.881 2.700 10.061  7.416 
31.792 3 AA_DT3DC4:DG17DA18_BB  A 3 ? B 18 ? A 4  ? B 17 ? 
1 A DC 4 1_555 B DG 7  1_555 A DC 5  1_555 B DG 6 1_555 -0.720 -1.975 3.265 -1.755 6.515  31.914 -4.589 0.993  2.852 11.686  3.147 
32.601 4 AA_DC4DC5:DG16DG17_BB  A 4 ? B 17 ? A 5  ? B 16 ? 
1 A DC 5 1_555 B DG 6  1_555 A DG 6  1_555 B DC 5 1_555 -0.740 -1.570 3.482 -4.788 17.130 29.240 -5.288 0.530  2.326 30.623  8.559 
34.124 5 AA_DC5DG6:DC15DG16_BB  A 5 ? B 16 ? A 6  ? B 15 ? 
1 A DG 6 1_555 B DC 5  1_555 A DG 7  1_555 B DC 4 1_555 1.344  -1.746 3.593 3.847  11.315 28.478 -5.549 -1.757 2.860 21.824  
-7.421  30.836 6 AA_DG6DG7:DC14DC15_BB  A 6 ? B 15 ? A 7  ? B 14 ? 
1 A DG 7 1_555 B DC 4  1_555 A DA 8  1_555 B DT 3 1_555 -0.484 -2.035 3.113 -1.817 9.808  28.719 -5.572 0.612  2.332 19.062  3.531 
30.367 7 AA_DG7DA8:DT13DC14_BB  A 7 ? B 14 ? A 8  ? B 13 ? 
1 A DA 8 1_555 B DT 3  1_555 A DG 9  1_555 B DC 2 1_555 -0.026 -1.939 3.243 -0.883 1.801  33.468 -3.651 -0.097 3.137 3.125   1.531 
33.526 8 AA_DA8DG9:DC12DT13_BB  A 8 ? B 13 ? A 9  ? B 12 ? 
1 A DG 9 1_555 B DC 2  1_555 A DG 10 1_555 B DC 1 1_555 -3.178 -2.082 3.995 16.393 -8.848 36.130 -1.918 6.608  2.776 -13.240 
-24.530 40.506 9 AA_DG9DG10:DC11DC12_BB A 9 ? B 12 ? A 10 ? B 11 ? 
# 
loop_
_pdbx_entity_nonpoly.entity_id 
_pdbx_entity_nonpoly.name 
_pdbx_entity_nonpoly.comp_id 
2 'SODIUM ION'  NA  
3 'CALCIUM ION' CA  
4 water         HOH 
# 
_pdbx_initial_refinement_model.id               1 
_pdbx_initial_refinement_model.entity_id_list   ? 
_pdbx_initial_refinement_model.type             'experimental model' 
_pdbx_initial_refinement_model.source_name      PDB 
_pdbx_initial_refinement_model.accession_code   1ZF9 
_pdbx_initial_refinement_model.details          'pdb entry 1ZF9' 
# 
